data_1OBB
#
_entry.id   1OBB
#
_cell.length_a   75.000
_cell.length_b   85.700
_cell.length_c   83.600
_cell.angle_alpha   90.00
_cell.angle_beta   106.00
_cell.angle_gamma   90.00
#
_symmetry.space_group_name_H-M   'P 1 21 1'
#
loop_
_entity.id
_entity.type
_entity.pdbx_description
1 polymer ALPHA-GLUCOSIDASE
2 branched alpha-D-glucopyranose-(1-4)-alpha-D-glucopyranose
3 non-polymer NICOTINAMIDE-ADENINE-DINUCLEOTIDE
4 water water
#
_entity_poly.entity_id   1
_entity_poly.type   'polypeptide(L)'
_entity_poly.pdbx_seq_one_letter_code
;MPSVKIGIIGAGSAVFSLRLVSDLCKTPGLSGSTVTLMDIDEERLDAILTIAKKYVEEVGADLKFEKTMNLDDVIIDADF
VINTAMVGGHTYLEKVRQIGEKYGYYRGIDAQEFNMVSDYYTFSNYNQLKYFVDIARKIEKLSPKAWYLQAANPIFEGTT
LVTRTVPIKAVGF(CSD)HGHYGVMEIVEKLGLEEEKVDWQVAGVNHGIWLNRFRYNGGNAYPLLDKWIEEKSKDWKPEN
PFNDQLSPAAIDMYRFYGVMPIGDTVRNSSWRYHRDLETKKKWYGEPWGGADSEIGWKWYQDTLGKVTEITKKVAKFIKE
NPSVRLSDLGSVLGKDLSEKQFVLEVEKILDPERKSGEQHIPFIDALLNDNKARFVVNIPNKGIIHGIDDDVVVEVPALV
DKNGIHPEKIEPPLPDRVVKYYLRPRIMRMEMALEAFLTGDIRIIKELLYRDPRTKSDEQVEKVIEEILALPENEEMRKH
YLKR
;
_entity_poly.pdbx_strand_id   A,B
#
loop_
_chem_comp.id
_chem_comp.type
_chem_comp.name
_chem_comp.formula
GLC D-saccharide, alpha linking alpha-D-glucopyranose 'C6 H12 O6'
NAD non-polymer NICOTINAMIDE-ADENINE-DINUCLEOTIDE 'C21 H27 N7 O14 P2'
#
# COMPACT_ATOMS: atom_id res chain seq x y z
N PRO A 2 24.35 35.44 26.48
CA PRO A 2 23.27 34.92 27.36
C PRO A 2 23.28 33.39 27.46
N SER A 3 22.57 32.88 28.47
CA SER A 3 22.51 31.45 28.70
C SER A 3 21.48 30.81 27.75
N VAL A 4 21.87 29.77 27.03
CA VAL A 4 20.96 29.07 26.13
C VAL A 4 20.03 28.25 27.04
N LYS A 5 18.72 28.31 26.82
CA LYS A 5 17.79 27.54 27.65
C LYS A 5 17.32 26.28 26.92
N ILE A 6 17.51 25.14 27.56
CA ILE A 6 17.11 23.87 26.98
C ILE A 6 16.19 23.18 27.96
N GLY A 7 15.00 22.83 27.50
CA GLY A 7 14.03 22.14 28.36
C GLY A 7 13.88 20.68 27.94
N ILE A 8 13.80 19.78 28.92
CA ILE A 8 13.65 18.36 28.66
C ILE A 8 12.36 17.86 29.31
N ILE A 9 11.44 17.38 28.45
CA ILE A 9 10.14 16.85 28.85
C ILE A 9 10.35 15.33 28.94
N GLY A 10 10.05 14.75 30.10
CA GLY A 10 10.30 13.34 30.33
C GLY A 10 11.71 13.15 30.88
N ALA A 11 12.25 14.19 31.51
CA ALA A 11 13.61 14.16 32.05
C ALA A 11 13.92 13.00 32.99
N GLY A 12 12.86 12.38 33.53
CA GLY A 12 13.01 11.25 34.43
C GLY A 12 13.70 10.06 33.78
N SER A 13 13.85 10.12 32.46
CA SER A 13 14.54 9.05 31.74
C SER A 13 16.04 9.41 31.92
N ALA A 14 16.60 8.91 33.02
CA ALA A 14 17.96 9.18 33.46
C ALA A 14 19.16 9.05 32.52
N VAL A 15 19.34 7.89 31.92
CA VAL A 15 20.49 7.72 31.04
C VAL A 15 20.49 8.82 29.97
N PHE A 16 19.37 8.98 29.29
CA PHE A 16 19.20 10.00 28.26
C PHE A 16 19.53 11.41 28.79
N SER A 17 18.89 11.81 29.88
CA SER A 17 19.13 13.15 30.42
C SER A 17 20.58 13.38 30.81
N LEU A 18 21.22 12.37 31.42
CA LEU A 18 22.61 12.50 31.84
C LEU A 18 23.55 12.57 30.63
N ARG A 19 23.16 11.91 29.54
CA ARG A 19 23.97 11.95 28.33
C ARG A 19 23.95 13.36 27.76
N LEU A 20 22.77 13.97 27.79
CA LEU A 20 22.60 15.33 27.30
C LEU A 20 23.30 16.33 28.21
N VAL A 21 23.15 16.12 29.52
CA VAL A 21 23.81 17.02 30.46
C VAL A 21 25.33 16.95 30.35
N SER A 22 25.88 15.74 30.30
CA SER A 22 27.31 15.60 30.19
C SER A 22 27.83 16.14 28.83
N ASP A 23 27.06 15.95 27.77
CA ASP A 23 27.51 16.46 26.47
C ASP A 23 27.60 17.96 26.55
N LEU A 24 26.62 18.58 27.19
CA LEU A 24 26.64 20.04 27.31
C LEU A 24 27.90 20.49 28.03
N CYS A 25 28.21 19.83 29.13
CA CYS A 25 29.41 20.20 29.90
C CYS A 25 30.67 20.09 29.05
N LYS A 26 30.66 19.13 28.13
CA LYS A 26 31.80 18.92 27.25
C LYS A 26 31.80 19.80 26.00
N THR A 27 30.85 20.73 25.90
CA THR A 27 30.73 21.60 24.72
C THR A 27 30.98 23.05 25.10
N PRO A 28 32.22 23.55 24.88
CA PRO A 28 32.65 24.93 25.20
C PRO A 28 31.65 26.01 24.85
N GLY A 29 31.13 25.95 23.63
CA GLY A 29 30.17 26.96 23.18
C GLY A 29 28.82 26.93 23.87
N LEU A 30 28.54 25.86 24.63
CA LEU A 30 27.24 25.74 25.28
C LEU A 30 27.36 25.70 26.78
N SER A 31 28.56 26.01 27.26
CA SER A 31 28.74 26.06 28.68
C SER A 31 27.88 27.20 29.18
N GLY A 32 27.48 27.09 30.44
CA GLY A 32 26.65 28.11 31.05
C GLY A 32 25.20 27.97 30.70
N SER A 33 24.82 26.92 29.99
CA SER A 33 23.41 26.75 29.61
C SER A 33 22.53 26.42 30.81
N THR A 34 21.25 26.71 30.70
CA THR A 34 20.30 26.40 31.75
C THR A 34 19.41 25.29 31.22
N VAL A 35 19.38 24.20 31.97
CA VAL A 35 18.60 23.02 31.64
C VAL A 35 17.42 22.89 32.61
N THR A 36 16.20 22.95 32.08
CA THR A 36 15.01 22.80 32.91
C THR A 36 14.57 21.37 32.68
N LEU A 37 14.53 20.60 33.76
CA LEU A 37 14.13 19.20 33.70
C LEU A 37 12.69 19.06 34.14
N MET A 38 11.87 18.47 33.29
CA MET A 38 10.47 18.31 33.61
C MET A 38 9.96 16.87 33.53
N ASP A 39 9.10 16.50 34.47
CA ASP A 39 8.50 15.18 34.48
C ASP A 39 7.23 15.23 35.33
N ILE A 40 6.43 14.16 35.27
CA ILE A 40 5.23 14.14 36.11
C ILE A 40 5.50 13.20 37.28
N ASP A 41 6.62 12.48 37.20
CA ASP A 41 7.02 11.55 38.25
C ASP A 41 8.07 12.26 39.13
N GLU A 42 7.62 12.84 40.24
CA GLU A 42 8.50 13.58 41.14
C GLU A 42 9.75 12.83 41.62
N GLU A 43 9.61 11.55 41.91
CA GLU A 43 10.75 10.75 42.38
C GLU A 43 11.81 10.66 41.28
N ARG A 44 11.40 10.19 40.10
CA ARG A 44 12.35 10.05 38.99
C ARG A 44 12.96 11.43 38.66
N LEU A 45 12.14 12.47 38.78
CA LEU A 45 12.60 13.82 38.49
C LEU A 45 13.67 14.24 39.51
N ASP A 46 13.38 14.06 40.79
CA ASP A 46 14.34 14.42 41.83
C ASP A 46 15.64 13.63 41.71
N ALA A 47 15.51 12.36 41.34
CA ALA A 47 16.68 11.50 41.19
C ALA A 47 17.63 12.03 40.10
N ILE A 48 17.10 12.37 38.92
CA ILE A 48 17.98 12.86 37.85
C ILE A 48 18.56 14.22 38.24
N LEU A 49 17.78 15.06 38.90
CA LEU A 49 18.32 16.36 39.34
C LEU A 49 19.51 16.17 40.28
N THR A 50 19.40 15.22 41.20
CA THR A 50 20.46 14.90 42.15
C THR A 50 21.72 14.44 41.45
N ILE A 51 21.56 13.52 40.52
CA ILE A 51 22.71 12.98 39.83
C ILE A 51 23.32 14.00 38.86
N ALA A 52 22.49 14.76 38.16
CA ALA A 52 23.00 15.74 37.22
C ALA A 52 23.75 16.87 37.96
N LYS A 53 23.20 17.33 39.08
CA LYS A 53 23.86 18.37 39.87
C LYS A 53 25.20 17.86 40.39
N LYS A 54 25.22 16.61 40.84
CA LYS A 54 26.47 16.03 41.33
C LYS A 54 27.49 16.04 40.20
N TYR A 55 27.06 15.58 39.03
CA TYR A 55 27.95 15.51 37.87
C TYR A 55 28.59 16.85 37.51
N VAL A 56 27.75 17.87 37.35
CA VAL A 56 28.23 19.20 36.99
C VAL A 56 29.27 19.74 37.97
N GLU A 57 29.04 19.51 39.26
CA GLU A 57 29.97 20.00 40.29
C GLU A 57 31.27 19.20 40.26
N GLU A 58 31.14 17.87 40.17
CA GLU A 58 32.30 16.99 40.11
C GLU A 58 33.20 17.28 38.92
N VAL A 59 32.61 17.63 37.77
CA VAL A 59 33.43 17.91 36.58
C VAL A 59 33.81 19.36 36.38
N GLY A 60 33.39 20.24 37.29
CA GLY A 60 33.73 21.66 37.20
C GLY A 60 32.94 22.53 36.25
N ALA A 61 31.86 21.99 35.67
CA ALA A 61 31.02 22.72 34.71
C ALA A 61 30.17 23.82 35.34
N ASP A 62 29.67 24.75 34.54
CA ASP A 62 28.84 25.78 35.12
C ASP A 62 27.36 25.75 34.68
N LEU A 63 26.90 24.56 34.26
CA LEU A 63 25.51 24.35 33.85
C LEU A 63 24.56 24.61 35.01
N LYS A 64 23.47 25.32 34.75
CA LYS A 64 22.49 25.59 35.79
C LYS A 64 21.24 24.74 35.54
N PHE A 65 20.60 24.28 36.61
CA PHE A 65 19.39 23.46 36.48
C PHE A 65 18.14 24.12 37.06
N GLU A 66 16.98 23.71 36.56
CA GLU A 66 15.69 24.14 37.08
C GLU A 66 14.82 22.90 37.05
N LYS A 67 13.91 22.81 38.00
CA LYS A 67 13.01 21.68 38.14
C LYS A 67 11.56 22.12 37.96
N THR A 68 10.74 21.32 37.27
CA THR A 68 9.32 21.63 37.12
C THR A 68 8.48 20.42 36.72
N MET A 69 7.20 20.47 37.06
CA MET A 69 6.30 19.39 36.73
C MET A 69 5.27 20.02 35.83
N ASN A 70 5.58 21.23 35.41
CA ASN A 70 4.67 22.02 34.60
C ASN A 70 5.20 22.28 33.18
N LEU A 71 4.40 21.95 32.17
CA LEU A 71 4.79 22.13 30.77
C LEU A 71 5.13 23.59 30.42
N ASP A 72 4.35 24.53 30.94
CA ASP A 72 4.62 25.94 30.63
C ASP A 72 6.01 26.40 31.09
N ASP A 73 6.45 25.95 32.26
CA ASP A 73 7.75 26.38 32.75
C ASP A 73 8.94 25.81 32.00
N VAL A 74 8.76 24.65 31.38
CA VAL A 74 9.86 24.07 30.64
C VAL A 74 9.91 24.69 29.24
N ILE A 75 8.80 25.27 28.80
CA ILE A 75 8.74 25.86 27.46
C ILE A 75 9.00 27.36 27.41
N ILE A 76 8.52 28.09 28.41
CA ILE A 76 8.70 29.55 28.43
C ILE A 76 10.17 29.91 28.43
N ASP A 77 10.59 30.80 27.54
CA ASP A 77 11.99 31.20 27.46
C ASP A 77 12.94 30.16 26.88
N ALA A 78 12.44 28.99 26.53
CA ALA A 78 13.33 27.97 25.97
C ALA A 78 13.77 28.25 24.53
N ASP A 79 15.00 27.82 24.23
CA ASP A 79 15.55 27.94 22.89
C ASP A 79 15.34 26.57 22.22
N PHE A 80 15.37 25.51 23.04
CA PHE A 80 15.15 24.17 22.51
C PHE A 80 14.31 23.39 23.53
N VAL A 81 13.36 22.61 23.03
CA VAL A 81 12.50 21.79 23.88
C VAL A 81 12.61 20.35 23.38
N ILE A 82 13.18 19.47 24.20
CA ILE A 82 13.39 18.11 23.82
C ILE A 82 12.37 17.24 24.51
N ASN A 83 11.58 16.52 23.71
CA ASN A 83 10.55 15.67 24.25
C ASN A 83 10.90 14.18 24.20
N THR A 84 11.08 13.60 25.38
CA THR A 84 11.36 12.18 25.49
C THR A 84 10.27 11.51 26.37
N ALA A 85 9.14 12.20 26.60
CA ALA A 85 8.06 11.62 27.41
C ALA A 85 7.24 10.50 26.75
N MET A 86 6.81 9.50 27.53
CA MET A 86 5.93 8.46 26.99
C MET A 86 4.66 8.46 27.85
N VAL A 87 3.64 9.17 27.38
CA VAL A 87 2.38 9.26 28.13
C VAL A 87 1.82 7.86 28.32
N GLY A 88 1.50 7.53 29.56
CA GLY A 88 0.96 6.23 29.92
C GLY A 88 2.03 5.23 30.31
N GLY A 89 3.28 5.48 29.90
CA GLY A 89 4.39 4.57 30.21
C GLY A 89 4.22 3.14 29.73
N HIS A 90 5.05 2.24 30.26
CA HIS A 90 4.95 0.85 29.84
C HIS A 90 3.71 0.14 30.36
N THR A 91 3.10 0.70 31.40
CA THR A 91 1.89 0.09 31.95
C THR A 91 0.75 0.22 30.92
N TYR A 92 0.66 1.40 30.28
CA TYR A 92 -0.37 1.60 29.26
C TYR A 92 -0.09 0.68 28.07
N LEU A 93 1.17 0.64 27.60
CA LEU A 93 1.52 -0.21 26.47
C LEU A 93 1.12 -1.69 26.72
N GLU A 94 1.42 -2.19 27.90
CA GLU A 94 1.09 -3.59 28.12
C GLU A 94 -0.39 -3.88 28.33
N LYS A 95 -1.13 -3.00 29.03
CA LYS A 95 -2.57 -3.23 29.23
C LYS A 95 -3.20 -3.33 27.84
N VAL A 96 -2.86 -2.38 26.98
CA VAL A 96 -3.39 -2.42 25.60
C VAL A 96 -2.97 -3.68 24.85
N ARG A 97 -1.70 -4.03 24.91
CA ARG A 97 -1.26 -5.23 24.21
C ARG A 97 -2.08 -6.46 24.67
N GLN A 98 -2.31 -6.58 25.98
CA GLN A 98 -3.09 -7.71 26.50
C GLN A 98 -4.51 -7.71 25.98
N ILE A 99 -5.10 -6.52 25.84
CA ILE A 99 -6.45 -6.41 25.31
C ILE A 99 -6.39 -6.91 23.86
N GLY A 100 -5.35 -6.50 23.13
CA GLY A 100 -5.24 -6.96 21.75
C GLY A 100 -5.17 -8.47 21.67
N GLU A 101 -4.25 -9.06 22.44
CA GLU A 101 -4.08 -10.52 22.40
C GLU A 101 -5.34 -11.26 22.84
N LYS A 102 -6.09 -10.64 23.73
CA LYS A 102 -7.34 -11.28 24.18
C LYS A 102 -8.30 -11.39 23.01
N TYR A 103 -8.16 -10.51 22.00
CA TYR A 103 -9.03 -10.57 20.85
C TYR A 103 -8.36 -11.08 19.59
N GLY A 104 -7.35 -11.90 19.78
CA GLY A 104 -6.69 -12.50 18.63
C GLY A 104 -5.67 -11.71 17.86
N TYR A 105 -5.13 -10.65 18.46
CA TYR A 105 -4.10 -9.86 17.77
C TYR A 105 -2.77 -10.07 18.47
N TYR A 106 -2.00 -11.05 18.00
CA TYR A 106 -0.70 -11.37 18.58
C TYR A 106 0.19 -10.13 18.58
N ARG A 107 0.71 -9.81 19.77
CA ARG A 107 1.58 -8.66 19.99
C ARG A 107 0.84 -7.31 19.98
N GLY A 108 -0.50 -7.35 19.94
CA GLY A 108 -1.32 -6.15 19.99
C GLY A 108 -1.73 -5.54 18.65
N ILE A 109 -2.80 -4.75 18.61
CA ILE A 109 -3.25 -4.18 17.32
C ILE A 109 -2.24 -3.17 16.71
N ASP A 110 -1.40 -2.54 17.55
CA ASP A 110 -0.41 -1.56 17.05
C ASP A 110 0.76 -2.20 16.30
N ALA A 111 0.93 -3.51 16.48
CA ALA A 111 1.99 -4.22 15.76
C ALA A 111 1.39 -4.43 14.38
N GLN A 112 2.04 -3.86 13.38
CA GLN A 112 1.54 -3.92 12.03
C GLN A 112 2.70 -4.25 11.08
N GLU A 113 2.35 -4.64 9.85
CA GLU A 113 3.36 -4.87 8.82
C GLU A 113 4.27 -3.64 8.79
N PHE A 114 5.58 -3.83 8.88
CA PHE A 114 6.56 -2.73 8.87
C PHE A 114 6.58 -1.82 10.12
N ASN A 115 5.86 -2.22 11.17
CA ASN A 115 5.95 -1.53 12.46
C ASN A 115 5.68 -2.50 13.59
N MET A 116 6.68 -3.32 13.89
CA MET A 116 6.61 -4.33 14.96
C MET A 116 7.26 -3.84 16.25
N VAL A 117 7.97 -2.71 16.17
CA VAL A 117 8.64 -2.16 17.35
C VAL A 117 7.59 -2.01 18.47
N SER A 118 7.81 -2.78 19.54
CA SER A 118 6.85 -2.86 20.65
C SER A 118 6.44 -1.61 21.37
N ASP A 119 7.23 -0.55 21.33
CA ASP A 119 6.82 0.66 22.01
C ASP A 119 6.63 1.76 20.98
N TYR A 120 6.27 1.37 19.77
CA TYR A 120 6.05 2.37 18.72
C TYR A 120 4.57 2.35 18.36
N TYR A 121 3.70 2.62 19.34
CA TYR A 121 2.25 2.63 19.10
C TYR A 121 1.88 3.80 18.21
N THR A 122 0.88 3.63 17.35
CA THR A 122 0.48 4.74 16.46
C THR A 122 -1.04 4.95 16.44
N PHE A 123 -1.79 3.95 16.93
CA PHE A 123 -3.25 4.03 16.95
C PHE A 123 -3.89 4.02 18.35
N SER A 124 -3.41 3.17 19.22
CA SER A 124 -4.05 3.13 20.52
C SER A 124 -3.55 4.23 21.47
N ASN A 125 -2.43 4.89 21.13
CA ASN A 125 -1.83 5.91 21.97
C ASN A 125 -2.21 7.35 21.60
N TYR A 126 -3.51 7.57 21.51
CA TYR A 126 -4.09 8.87 21.23
C TYR A 126 -3.49 9.90 22.21
N ASN A 127 -3.39 9.52 23.49
CA ASN A 127 -2.89 10.44 24.50
C ASN A 127 -1.45 10.89 24.24
N GLN A 128 -0.62 9.98 23.73
CA GLN A 128 0.76 10.32 23.40
C GLN A 128 0.79 11.32 22.22
N LEU A 129 0.05 11.03 21.14
CA LEU A 129 -0.01 11.90 19.96
C LEU A 129 -0.55 13.28 20.36
N LYS A 130 -1.59 13.29 21.17
CA LYS A 130 -2.19 14.53 21.64
C LYS A 130 -1.16 15.36 22.44
N TYR A 131 -0.30 14.69 23.21
CA TYR A 131 0.71 15.42 24.00
C TYR A 131 1.72 16.11 23.08
N PHE A 132 2.11 15.42 21.99
CA PHE A 132 3.04 16.01 21.03
C PHE A 132 2.43 17.34 20.53
N VAL A 133 1.17 17.28 20.08
CA VAL A 133 0.51 18.46 19.56
C VAL A 133 0.36 19.53 20.63
N ASP A 134 0.02 19.13 21.84
CA ASP A 134 -0.14 20.09 22.90
C ASP A 134 1.15 20.81 23.23
N ILE A 135 2.26 20.08 23.19
CA ILE A 135 3.55 20.69 23.47
C ILE A 135 3.86 21.67 22.35
N ALA A 136 3.67 21.23 21.11
CA ALA A 136 3.96 22.10 19.97
C ALA A 136 3.13 23.38 19.99
N ARG A 137 1.84 23.29 20.30
CA ARG A 137 0.99 24.48 20.35
C ARG A 137 1.46 25.42 21.46
N LYS A 138 1.92 24.86 22.58
CA LYS A 138 2.41 25.69 23.67
C LYS A 138 3.70 26.40 23.28
N ILE A 139 4.53 25.72 22.48
CA ILE A 139 5.76 26.33 21.99
C ILE A 139 5.35 27.50 21.06
N GLU A 140 4.46 27.22 20.12
CA GLU A 140 3.97 28.26 19.20
C GLU A 140 3.47 29.50 19.98
N LYS A 141 2.68 29.27 21.03
CA LYS A 141 2.15 30.37 21.84
C LYS A 141 3.16 31.06 22.77
N LEU A 142 3.96 30.26 23.48
CA LEU A 142 4.89 30.77 24.46
C LEU A 142 6.31 31.05 24.03
N SER A 143 6.87 30.23 23.15
CA SER A 143 8.25 30.43 22.68
C SER A 143 8.27 30.06 21.23
N PRO A 144 7.64 30.89 20.38
CA PRO A 144 7.56 30.67 18.94
C PRO A 144 8.82 30.38 18.15
N LYS A 145 9.96 30.87 18.62
CA LYS A 145 11.18 30.62 17.87
C LYS A 145 11.97 29.41 18.36
N ALA A 146 11.49 28.74 19.38
CA ALA A 146 12.20 27.58 19.89
C ALA A 146 12.04 26.36 18.97
N TRP A 147 13.04 25.48 19.04
CA TRP A 147 13.00 24.24 18.27
C TRP A 147 12.37 23.13 19.09
N TYR A 148 11.50 22.34 18.46
CA TYR A 148 10.89 21.17 19.13
C TYR A 148 11.67 19.96 18.63
N LEU A 149 12.36 19.26 19.54
CA LEU A 149 13.18 18.08 19.21
C LEU A 149 12.48 16.82 19.73
N GLN A 150 11.87 16.09 18.81
CA GLN A 150 11.13 14.89 19.13
C GLN A 150 12.03 13.66 19.30
N ALA A 151 12.15 13.17 20.54
CA ALA A 151 12.96 11.98 20.81
C ALA A 151 12.02 10.79 21.10
N ALA A 152 10.84 11.06 21.63
CA ALA A 152 9.89 10.00 21.95
C ALA A 152 9.20 9.36 20.73
N ASN A 153 8.82 8.09 20.85
CA ASN A 153 8.10 7.38 19.79
C ASN A 153 6.61 7.66 19.93
N PRO A 154 5.86 7.62 18.81
CA PRO A 154 6.40 7.32 17.48
C PRO A 154 7.04 8.55 16.80
N ILE A 155 8.32 8.46 16.43
CA ILE A 155 8.96 9.61 15.76
C ILE A 155 8.41 9.92 14.38
N PHE A 156 8.22 8.90 13.54
CA PHE A 156 7.66 9.12 12.20
C PHE A 156 6.27 9.82 12.27
N GLU A 157 5.28 9.13 12.80
CA GLU A 157 3.92 9.70 12.94
C GLU A 157 3.92 11.04 13.69
N GLY A 158 4.69 11.12 14.77
CA GLY A 158 4.72 12.30 15.62
C GLY A 158 5.26 13.55 14.95
N THR A 159 6.41 13.39 14.33
CA THR A 159 7.04 14.52 13.66
C THR A 159 6.22 14.94 12.45
N THR A 160 5.62 13.97 11.75
CA THR A 160 4.78 14.29 10.60
C THR A 160 3.56 15.06 11.12
N LEU A 161 2.98 14.56 12.20
CA LEU A 161 1.79 15.22 12.75
C LEU A 161 2.06 16.68 13.15
N VAL A 162 3.13 16.90 13.92
CA VAL A 162 3.51 18.25 14.34
C VAL A 162 3.90 19.21 13.20
N THR A 163 4.74 18.76 12.28
CA THR A 163 5.18 19.63 11.18
C THR A 163 4.03 19.97 10.24
N ARG A 164 3.05 19.06 10.09
CA ARG A 164 1.94 19.36 9.20
C ARG A 164 0.92 20.29 9.88
N THR A 165 0.85 20.25 11.20
CA THR A 165 -0.19 21.03 11.86
C THR A 165 0.16 22.25 12.72
N VAL A 166 1.39 22.34 13.18
CA VAL A 166 1.79 23.48 14.03
C VAL A 166 2.96 24.20 13.35
N PRO A 167 2.83 25.51 13.15
CA PRO A 167 3.92 26.23 12.49
C PRO A 167 5.14 26.57 13.36
N ILE A 168 5.91 25.56 13.76
CA ILE A 168 7.12 25.79 14.56
C ILE A 168 8.25 24.99 13.94
N LYS A 169 9.48 25.21 14.40
CA LYS A 169 10.60 24.47 13.86
C LYS A 169 10.61 23.16 14.64
N ALA A 170 10.58 22.04 13.94
CA ALA A 170 10.53 20.72 14.59
C ALA A 170 11.32 19.68 13.82
N VAL A 171 12.07 18.84 14.53
CA VAL A 171 12.86 17.80 13.90
C VAL A 171 12.84 16.61 14.85
N GLY A 172 12.96 15.40 14.33
CA GLY A 172 13.02 14.21 15.18
C GLY A 172 14.41 13.62 15.11
N PHE A 173 14.91 13.02 16.19
CA PHE A 173 16.25 12.42 16.19
C PHE A 173 16.23 11.01 16.74
N CSD A 174 17.02 10.15 16.12
CA CSD A 174 17.14 8.74 16.53
CB CSD A 174 16.20 7.89 15.71
SG CSD A 174 15.97 6.18 16.35
C CSD A 174 18.57 8.20 16.33
O CSD A 174 19.32 8.69 15.51
OD1 CSD A 174 14.57 6.06 16.79
OD2 CSD A 174 16.32 5.28 15.23
N HIS A 175 18.89 7.17 17.09
CA HIS A 175 20.21 6.51 17.05
C HIS A 175 20.25 5.31 16.10
N GLY A 176 19.10 5.00 15.48
CA GLY A 176 19.01 3.87 14.56
C GLY A 176 20.11 3.63 13.54
N HIS A 177 20.60 4.71 12.93
CA HIS A 177 21.63 4.60 11.90
C HIS A 177 22.99 4.00 12.34
N TYR A 178 23.27 3.97 13.63
CA TYR A 178 24.53 3.41 14.10
C TYR A 178 24.62 1.91 13.81
N GLY A 179 23.62 1.37 13.13
CA GLY A 179 23.65 -0.04 12.77
C GLY A 179 24.71 -0.15 11.68
N VAL A 180 24.90 0.95 10.97
CA VAL A 180 25.90 0.99 9.93
C VAL A 180 27.26 0.63 10.54
N MET A 181 27.51 1.12 11.74
CA MET A 181 28.80 0.84 12.36
C MET A 181 29.05 -0.64 12.72
N GLU A 182 27.99 -1.41 12.95
CA GLU A 182 28.17 -2.84 13.25
C GLU A 182 28.59 -3.58 11.99
N ILE A 183 27.98 -3.20 10.87
CA ILE A 183 28.31 -3.83 9.60
C ILE A 183 29.77 -3.50 9.25
N VAL A 184 30.16 -2.24 9.40
CA VAL A 184 31.52 -1.81 9.13
C VAL A 184 32.53 -2.59 9.97
N GLU A 185 32.29 -2.65 11.28
CA GLU A 185 33.21 -3.37 12.16
C GLU A 185 33.30 -4.88 11.83
N LYS A 186 32.16 -5.51 11.50
CA LYS A 186 32.16 -6.93 11.19
C LYS A 186 32.93 -7.23 9.89
N LEU A 187 33.02 -6.23 9.01
CA LEU A 187 33.73 -6.41 7.75
C LEU A 187 35.18 -6.00 7.90
N GLY A 188 35.54 -5.55 9.10
CA GLY A 188 36.91 -5.13 9.36
C GLY A 188 37.31 -3.87 8.63
N LEU A 189 36.37 -2.97 8.40
CA LEU A 189 36.69 -1.72 7.71
C LEU A 189 36.84 -0.53 8.64
N GLU A 190 37.70 0.41 8.25
CA GLU A 190 37.89 1.61 9.06
C GLU A 190 36.69 2.52 8.84
N GLU A 191 36.01 2.90 9.93
CA GLU A 191 34.83 3.75 9.80
C GLU A 191 35.08 5.03 9.00
N GLU A 192 36.21 5.69 9.27
CA GLU A 192 36.54 6.94 8.58
C GLU A 192 36.78 6.75 7.09
N LYS A 193 37.03 5.51 6.66
CA LYS A 193 37.27 5.21 5.26
C LYS A 193 35.96 4.83 4.53
N VAL A 194 34.87 4.70 5.27
CA VAL A 194 33.59 4.32 4.67
C VAL A 194 32.73 5.51 4.29
N ASP A 195 32.18 5.46 3.07
CA ASP A 195 31.32 6.53 2.59
C ASP A 195 29.92 5.91 2.58
N TRP A 196 29.11 6.27 3.57
CA TRP A 196 27.77 5.70 3.66
C TRP A 196 26.67 6.76 3.67
N GLN A 197 25.46 6.31 3.37
CA GLN A 197 24.28 7.17 3.44
C GLN A 197 23.08 6.24 3.74
N VAL A 198 22.11 6.76 4.51
CA VAL A 198 20.87 6.02 4.79
C VAL A 198 19.71 6.92 4.44
N ALA A 199 18.54 6.31 4.21
CA ALA A 199 17.34 7.08 3.84
C ALA A 199 16.10 6.23 4.03
N GLY A 200 14.99 6.90 4.36
CA GLY A 200 13.73 6.21 4.54
C GLY A 200 12.89 7.00 5.51
N VAL A 201 12.22 6.33 6.43
CA VAL A 201 11.45 7.02 7.44
C VAL A 201 12.03 6.48 8.75
N ASN A 202 11.67 7.04 9.90
CA ASN A 202 12.24 6.58 11.16
C ASN A 202 11.90 5.08 11.36
N HIS A 203 12.91 4.31 11.74
CA HIS A 203 12.78 2.85 11.91
C HIS A 203 12.37 2.22 10.56
N GLY A 204 12.68 2.91 9.48
CA GLY A 204 12.36 2.38 8.17
C GLY A 204 13.41 2.94 7.21
N ILE A 205 14.68 2.86 7.63
CA ILE A 205 15.78 3.38 6.83
C ILE A 205 16.65 2.29 6.20
N TRP A 206 17.22 2.66 5.07
CA TRP A 206 18.03 1.75 4.27
C TRP A 206 19.39 2.31 3.91
N LEU A 207 20.38 1.42 3.85
CA LEU A 207 21.74 1.81 3.51
C LEU A 207 21.81 1.97 1.99
N ASN A 208 21.38 3.13 1.51
CA ASN A 208 21.32 3.38 0.08
C ASN A 208 22.69 3.55 -0.56
N ARG A 209 23.66 3.98 0.24
CA ARG A 209 25.03 4.15 -0.26
C ARG A 209 25.98 3.48 0.72
N PHE A 210 26.88 2.65 0.23
CA PHE A 210 27.84 1.95 1.08
C PHE A 210 29.09 1.71 0.23
N ARG A 211 30.03 2.64 0.35
CA ARG A 211 31.27 2.61 -0.42
C ARG A 211 32.51 2.55 0.49
N TYR A 212 33.58 1.94 -0.02
CA TYR A 212 34.81 1.84 0.75
C TYR A 212 35.98 1.87 -0.24
N ASN A 213 36.87 2.84 -0.07
CA ASN A 213 38.02 2.98 -0.96
C ASN A 213 37.63 3.23 -2.40
N GLY A 214 36.76 4.22 -2.61
CA GLY A 214 36.32 4.56 -3.95
C GLY A 214 35.48 3.54 -4.70
N GLY A 215 34.95 2.52 -4.02
CA GLY A 215 34.13 1.53 -4.71
C GLY A 215 32.92 1.04 -3.92
N ASN A 216 31.96 0.40 -4.59
CA ASN A 216 30.79 -0.11 -3.89
C ASN A 216 31.29 -1.19 -2.94
N ALA A 217 30.91 -1.08 -1.66
CA ALA A 217 31.35 -2.03 -0.67
C ALA A 217 30.38 -3.18 -0.42
N TYR A 218 29.21 -3.17 -1.05
CA TYR A 218 28.30 -4.29 -0.81
C TYR A 218 28.95 -5.64 -1.15
N PRO A 219 29.88 -5.69 -2.13
CA PRO A 219 30.46 -7.01 -2.38
C PRO A 219 31.12 -7.57 -1.12
N LEU A 220 31.64 -6.70 -0.28
CA LEU A 220 32.29 -7.14 0.95
C LEU A 220 31.26 -7.74 1.89
N LEU A 221 30.07 -7.14 1.92
CA LEU A 221 29.02 -7.69 2.78
C LEU A 221 28.62 -9.05 2.21
N ASP A 222 28.51 -9.15 0.88
CA ASP A 222 28.16 -10.42 0.23
C ASP A 222 29.16 -11.50 0.66
N LYS A 223 30.45 -11.16 0.65
CA LYS A 223 31.50 -12.09 1.09
C LYS A 223 31.27 -12.50 2.55
N TRP A 224 30.95 -11.53 3.40
CA TRP A 224 30.72 -11.86 4.80
C TRP A 224 29.53 -12.82 4.96
N ILE A 225 28.45 -12.57 4.22
CA ILE A 225 27.26 -13.43 4.31
C ILE A 225 27.59 -14.88 3.84
N GLU A 226 28.33 -14.98 2.76
CA GLU A 226 28.68 -16.29 2.22
C GLU A 226 29.59 -17.09 3.15
N GLU A 227 30.61 -16.43 3.70
CA GLU A 227 31.62 -17.05 4.55
C GLU A 227 31.43 -17.09 6.05
N LYS A 228 30.81 -16.08 6.64
CA LYS A 228 30.65 -16.05 8.08
C LYS A 228 29.23 -16.02 8.68
N SER A 229 28.23 -15.62 7.91
CA SER A 229 26.89 -15.54 8.49
C SER A 229 26.43 -16.85 9.13
N LYS A 230 26.92 -17.97 8.64
CA LYS A 230 26.53 -19.24 9.22
C LYS A 230 26.85 -19.30 10.72
N ASP A 231 27.86 -18.56 11.16
CA ASP A 231 28.24 -18.58 12.57
C ASP A 231 27.61 -17.44 13.37
N TRP A 232 26.80 -16.63 12.72
CA TRP A 232 26.17 -15.48 13.37
C TRP A 232 25.27 -15.84 14.54
N LYS A 233 25.38 -15.08 15.63
CA LYS A 233 24.57 -15.30 16.83
C LYS A 233 24.34 -13.94 17.44
N PRO A 234 23.11 -13.65 17.93
CA PRO A 234 22.84 -12.35 18.53
C PRO A 234 23.30 -12.30 20.00
N GLU A 235 23.78 -11.13 20.44
CA GLU A 235 24.25 -10.98 21.81
C GLU A 235 23.12 -10.60 22.76
N ASN A 236 22.05 -10.05 22.21
CA ASN A 236 20.90 -9.69 23.02
C ASN A 236 19.71 -9.60 22.07
N PRO A 237 18.52 -9.39 22.58
CA PRO A 237 17.33 -9.30 21.72
C PRO A 237 17.37 -8.28 20.58
N PHE A 238 18.10 -7.19 20.77
CA PHE A 238 18.18 -6.12 19.77
C PHE A 238 19.32 -6.23 18.76
N ASN A 239 20.19 -7.21 18.96
CA ASN A 239 21.37 -7.41 18.11
C ASN A 239 21.05 -8.15 16.80
N ASP A 240 20.15 -7.61 16.00
CA ASP A 240 19.77 -8.28 14.75
C ASP A 240 20.18 -7.63 13.42
N GLN A 241 21.13 -6.70 13.47
CA GLN A 241 21.57 -6.05 12.25
C GLN A 241 22.07 -7.03 11.18
N LEU A 242 22.62 -8.17 11.58
CA LEU A 242 23.11 -9.16 10.62
C LEU A 242 22.39 -10.51 10.73
N SER A 243 21.14 -10.46 11.19
CA SER A 243 20.31 -11.65 11.34
C SER A 243 19.78 -12.14 9.99
N PRO A 244 19.20 -13.34 9.97
CA PRO A 244 18.66 -13.87 8.71
C PRO A 244 17.58 -12.91 8.16
N ALA A 245 16.79 -12.32 9.07
CA ALA A 245 15.74 -11.35 8.70
C ALA A 245 16.40 -10.20 7.92
N ALA A 246 17.44 -9.60 8.49
CA ALA A 246 18.11 -8.50 7.80
C ALA A 246 18.69 -8.91 6.46
N ILE A 247 19.42 -10.03 6.41
CA ILE A 247 20.03 -10.49 5.16
C ILE A 247 18.97 -10.76 4.07
N ASP A 248 17.88 -11.40 4.47
CA ASP A 248 16.78 -11.72 3.55
C ASP A 248 16.11 -10.46 3.01
N MET A 249 15.97 -9.42 3.85
CA MET A 249 15.40 -8.14 3.38
C MET A 249 16.39 -7.52 2.39
N TYR A 250 17.69 -7.62 2.72
CA TYR A 250 18.72 -7.10 1.84
C TYR A 250 18.66 -7.78 0.47
N ARG A 251 18.47 -9.08 0.47
CA ARG A 251 18.41 -9.82 -0.78
C ARG A 251 17.22 -9.42 -1.64
N PHE A 252 16.07 -9.23 -1.00
CA PHE A 252 14.90 -8.82 -1.77
C PHE A 252 14.93 -7.33 -2.23
N TYR A 253 15.18 -6.41 -1.30
CA TYR A 253 15.18 -4.98 -1.61
C TYR A 253 16.42 -4.44 -2.34
N GLY A 254 17.57 -5.10 -2.17
CA GLY A 254 18.78 -4.65 -2.85
C GLY A 254 19.71 -3.80 -2.02
N VAL A 255 19.23 -3.36 -0.86
CA VAL A 255 20.02 -2.55 0.08
C VAL A 255 19.70 -3.05 1.49
N MET A 256 20.64 -2.88 2.40
CA MET A 256 20.45 -3.35 3.77
C MET A 256 19.51 -2.49 4.62
N PRO A 257 18.54 -3.12 5.34
CA PRO A 257 17.65 -2.32 6.19
C PRO A 257 18.59 -1.98 7.37
N ILE A 258 18.44 -0.82 8.00
CA ILE A 258 19.34 -0.44 9.08
C ILE A 258 18.67 -0.22 10.45
N GLY A 259 19.26 -0.81 11.50
CA GLY A 259 18.71 -0.61 12.83
C GLY A 259 17.35 -1.26 13.04
N ASP A 260 16.44 -0.51 13.65
CA ASP A 260 15.09 -1.00 13.94
C ASP A 260 14.30 -1.36 12.71
N THR A 261 14.81 -0.94 11.55
CA THR A 261 14.13 -1.30 10.30
C THR A 261 14.04 -2.83 10.20
N VAL A 262 15.05 -3.54 10.74
CA VAL A 262 15.08 -5.00 10.69
C VAL A 262 13.90 -5.62 11.45
N ARG A 263 13.59 -5.03 12.60
CA ARG A 263 12.44 -5.50 13.38
C ARG A 263 11.15 -5.25 12.59
N ASN A 264 11.14 -4.15 11.85
CA ASN A 264 9.98 -3.71 11.09
C ASN A 264 9.87 -4.36 9.71
N SER A 265 9.72 -5.68 9.71
CA SER A 265 9.57 -6.47 8.51
C SER A 265 8.06 -6.73 8.33
N SER A 266 7.72 -7.52 7.34
CA SER A 266 6.34 -7.92 7.09
C SER A 266 5.95 -8.99 8.14
N TRP A 267 4.70 -9.42 8.14
CA TRP A 267 4.26 -10.44 9.09
C TRP A 267 4.97 -11.80 8.90
N ARG A 268 5.61 -12.01 7.75
CA ARG A 268 6.30 -13.26 7.46
C ARG A 268 7.27 -13.71 8.57
N TYR A 269 8.04 -12.79 9.13
CA TYR A 269 9.02 -13.17 10.16
C TYR A 269 8.45 -13.18 11.57
N HIS A 270 7.17 -12.85 11.72
CA HIS A 270 6.54 -12.72 13.03
C HIS A 270 5.23 -13.50 13.23
N ARG A 271 4.98 -14.52 12.43
CA ARG A 271 3.72 -15.25 12.56
C ARG A 271 3.55 -15.84 13.96
N ASP A 272 4.64 -16.31 14.56
CA ASP A 272 4.62 -16.88 15.91
C ASP A 272 6.03 -16.84 16.50
N LEU A 273 6.16 -17.22 17.78
CA LEU A 273 7.46 -17.19 18.45
C LEU A 273 8.53 -17.99 17.74
N GLU A 274 8.18 -19.20 17.32
CA GLU A 274 9.16 -20.02 16.65
C GLU A 274 9.61 -19.41 15.34
N THR A 275 8.71 -18.70 14.66
CA THR A 275 9.09 -18.07 13.39
C THR A 275 10.03 -16.90 13.70
N LYS A 276 9.71 -16.19 14.77
CA LYS A 276 10.54 -15.07 15.24
C LYS A 276 11.94 -15.60 15.55
N LYS A 277 12.03 -16.73 16.24
CA LYS A 277 13.35 -17.29 16.57
C LYS A 277 14.13 -17.64 15.28
N LYS A 278 13.43 -18.17 14.28
CA LYS A 278 14.08 -18.51 13.01
C LYS A 278 14.72 -17.31 12.29
N TRP A 279 14.02 -16.19 12.28
CA TRP A 279 14.55 -15.04 11.56
C TRP A 279 15.42 -14.09 12.36
N TYR A 280 15.15 -14.01 13.66
CA TYR A 280 15.87 -13.10 14.55
C TYR A 280 16.89 -13.74 15.48
N GLY A 281 16.95 -15.07 15.49
CA GLY A 281 17.91 -15.80 16.31
C GLY A 281 17.47 -16.28 17.68
N GLU A 282 18.07 -17.39 18.11
CA GLU A 282 17.78 -17.95 19.45
C GLU A 282 18.62 -17.12 20.43
N PRO A 283 18.20 -17.04 21.69
CA PRO A 283 17.03 -17.68 22.30
C PRO A 283 15.77 -16.85 22.38
N TRP A 284 15.92 -15.55 22.09
CA TRP A 284 14.84 -14.57 22.23
C TRP A 284 13.82 -14.41 21.11
N GLY A 285 14.22 -14.64 19.86
CA GLY A 285 13.29 -14.40 18.76
C GLY A 285 13.16 -12.88 18.60
N GLY A 286 14.26 -12.16 18.82
CA GLY A 286 14.24 -10.70 18.67
C GLY A 286 13.63 -9.90 19.81
N ALA A 287 13.71 -8.58 19.70
CA ALA A 287 13.21 -7.69 20.74
C ALA A 287 11.71 -7.66 20.87
N ASP A 288 11.01 -8.07 19.82
CA ASP A 288 9.57 -7.96 19.83
C ASP A 288 8.76 -9.21 20.10
N SER A 289 9.41 -10.21 20.70
CA SER A 289 8.69 -11.42 21.08
C SER A 289 8.35 -11.17 22.54
N GLU A 290 7.56 -12.02 23.16
CA GLU A 290 7.26 -11.76 24.54
C GLU A 290 8.52 -11.99 25.39
N ILE A 291 9.38 -12.91 24.96
CA ILE A 291 10.61 -13.23 25.70
C ILE A 291 11.58 -12.07 25.58
N GLY A 292 11.84 -11.68 24.35
CA GLY A 292 12.74 -10.57 24.13
C GLY A 292 12.26 -9.26 24.70
N TRP A 293 10.97 -8.98 24.67
CA TRP A 293 10.43 -7.72 25.18
C TRP A 293 10.49 -7.69 26.72
N LYS A 294 10.28 -8.85 27.35
CA LYS A 294 10.35 -8.95 28.81
C LYS A 294 11.80 -8.71 29.22
N TRP A 295 12.73 -9.24 28.43
CA TRP A 295 14.16 -9.04 28.67
C TRP A 295 14.40 -7.53 28.70
N TYR A 296 13.83 -6.84 27.73
CA TYR A 296 14.00 -5.39 27.67
C TYR A 296 13.38 -4.67 28.87
N GLN A 297 12.13 -4.98 29.17
CA GLN A 297 11.42 -4.33 30.28
C GLN A 297 12.17 -4.51 31.58
N ASP A 298 12.75 -5.70 31.77
CA ASP A 298 13.50 -5.98 32.99
C ASP A 298 14.75 -5.12 33.06
N THR A 299 15.50 -4.97 31.96
CA THR A 299 16.67 -4.12 32.04
C THR A 299 16.23 -2.70 32.37
N LEU A 300 15.14 -2.23 31.77
CA LEU A 300 14.70 -0.86 32.07
C LEU A 300 14.39 -0.70 33.55
N GLY A 301 13.70 -1.69 34.13
CA GLY A 301 13.37 -1.62 35.53
C GLY A 301 14.61 -1.54 36.40
N LYS A 302 15.61 -2.36 36.08
CA LYS A 302 16.83 -2.37 36.83
C LYS A 302 17.57 -1.04 36.72
N VAL A 303 17.55 -0.42 35.53
CA VAL A 303 18.22 0.87 35.39
C VAL A 303 17.58 1.91 36.28
N THR A 304 16.26 1.92 36.33
CA THR A 304 15.57 2.88 37.17
C THR A 304 15.85 2.60 38.67
N GLU A 305 15.91 1.33 39.05
CA GLU A 305 16.22 0.96 40.43
C GLU A 305 17.61 1.50 40.82
N ILE A 306 18.61 1.20 40.00
CA ILE A 306 19.96 1.65 40.29
C ILE A 306 20.08 3.19 40.34
N THR A 307 19.32 3.89 39.50
CA THR A 307 19.37 5.35 39.49
C THR A 307 18.85 5.85 40.83
N LYS A 308 17.73 5.31 41.26
CA LYS A 308 17.14 5.70 42.53
C LYS A 308 18.15 5.44 43.65
N LYS A 309 18.81 4.28 43.63
CA LYS A 309 19.80 3.96 44.65
C LYS A 309 20.96 4.95 44.63
N VAL A 310 21.49 5.21 43.44
CA VAL A 310 22.61 6.13 43.32
C VAL A 310 22.25 7.51 43.84
N ALA A 311 21.05 7.99 43.50
CA ALA A 311 20.61 9.31 43.94
C ALA A 311 20.55 9.38 45.46
N LYS A 312 19.94 8.35 46.06
CA LYS A 312 19.82 8.27 47.50
C LYS A 312 21.20 8.38 48.14
N PHE A 313 22.11 7.54 47.68
CA PHE A 313 23.46 7.51 48.21
C PHE A 313 24.21 8.84 48.12
N ILE A 314 24.03 9.57 47.00
CA ILE A 314 24.67 10.87 46.81
C ILE A 314 24.20 11.82 47.90
N LYS A 315 22.91 11.77 48.21
CA LYS A 315 22.38 12.63 49.24
C LYS A 315 22.87 12.32 50.64
N GLU A 316 23.12 11.03 50.91
CA GLU A 316 23.57 10.61 52.23
C GLU A 316 25.08 10.67 52.38
N ASN A 317 25.78 10.60 51.25
CA ASN A 317 27.24 10.62 51.24
C ASN A 317 27.68 11.73 50.29
N PRO A 318 27.45 12.99 50.67
CA PRO A 318 27.80 14.16 49.86
C PRO A 318 29.25 14.24 49.37
N SER A 319 30.14 13.43 49.93
CA SER A 319 31.54 13.48 49.53
C SER A 319 31.89 12.47 48.44
N VAL A 320 31.05 11.45 48.29
CA VAL A 320 31.29 10.42 47.28
C VAL A 320 31.44 11.04 45.89
N ARG A 321 32.29 10.44 45.07
CA ARG A 321 32.46 10.91 43.71
C ARG A 321 31.81 9.90 42.77
N LEU A 322 31.18 10.40 41.72
CA LEU A 322 30.56 9.54 40.74
C LEU A 322 31.63 8.62 40.14
N SER A 323 32.89 9.05 40.15
CA SER A 323 33.94 8.21 39.60
C SER A 323 34.31 7.11 40.60
N ASP A 324 33.74 7.16 41.81
CA ASP A 324 33.98 6.12 42.83
C ASP A 324 32.83 5.12 42.69
N LEU A 325 32.36 5.03 41.46
CA LEU A 325 31.28 4.15 41.03
C LEU A 325 31.70 2.70 41.19
N GLY A 326 30.81 1.86 41.71
CA GLY A 326 31.20 0.48 41.87
C GLY A 326 32.23 0.40 42.99
N SER A 327 31.71 0.69 44.17
CA SER A 327 32.44 0.69 45.43
C SER A 327 31.22 0.93 46.30
N VAL A 328 30.20 1.45 45.63
CA VAL A 328 28.92 1.76 46.21
C VAL A 328 27.95 0.77 45.59
N LEU A 329 28.15 0.48 44.31
CA LEU A 329 27.32 -0.45 43.57
C LEU A 329 27.98 -1.82 43.57
N GLY A 330 27.14 -2.86 43.56
CA GLY A 330 27.65 -4.21 43.56
C GLY A 330 28.26 -4.63 42.24
N LYS A 331 28.26 -5.93 41.97
CA LYS A 331 28.86 -6.41 40.75
C LYS A 331 27.95 -7.26 39.87
N ASP A 332 26.62 -7.11 39.99
CA ASP A 332 25.77 -7.89 39.10
C ASP A 332 25.69 -7.16 37.75
N LEU A 333 25.42 -7.92 36.69
CA LEU A 333 25.34 -7.42 35.32
C LEU A 333 24.76 -6.01 35.23
N SER A 334 23.62 -5.83 35.89
CA SER A 334 22.93 -4.56 35.90
C SER A 334 23.83 -3.39 36.33
N GLU A 335 24.50 -3.56 37.46
CA GLU A 335 25.38 -2.53 38.02
C GLU A 335 26.66 -2.27 37.21
N LYS A 336 27.32 -3.34 36.79
CA LYS A 336 28.53 -3.20 35.98
C LYS A 336 28.25 -2.38 34.72
N GLN A 337 27.10 -2.64 34.09
CA GLN A 337 26.75 -1.91 32.88
C GLN A 337 26.55 -0.44 33.22
N PHE A 338 25.84 -0.19 34.32
CA PHE A 338 25.58 1.18 34.78
C PHE A 338 26.88 1.94 35.07
N VAL A 339 27.90 1.24 35.58
CA VAL A 339 29.18 1.89 35.85
C VAL A 339 29.88 2.21 34.53
N LEU A 340 29.77 1.33 33.55
CA LEU A 340 30.39 1.60 32.26
C LEU A 340 29.75 2.87 31.71
N GLU A 341 28.44 3.00 31.85
CA GLU A 341 27.77 4.19 31.35
C GLU A 341 28.31 5.44 32.06
N VAL A 342 28.42 5.37 33.39
CA VAL A 342 28.91 6.52 34.14
C VAL A 342 30.32 6.93 33.73
N GLU A 343 31.17 5.93 33.48
CA GLU A 343 32.54 6.20 33.07
C GLU A 343 32.60 6.92 31.72
N LYS A 344 31.72 6.52 30.80
CA LYS A 344 31.67 7.15 29.50
C LYS A 344 31.20 8.59 29.65
N ILE A 345 30.21 8.84 30.50
CA ILE A 345 29.81 10.24 30.62
C ILE A 345 30.83 11.10 31.37
N LEU A 346 31.58 10.48 32.28
CA LEU A 346 32.62 11.20 33.03
C LEU A 346 33.87 11.50 32.18
N ASP A 347 34.06 10.77 31.08
CA ASP A 347 35.22 11.00 30.20
C ASP A 347 35.01 12.32 29.42
N PRO A 348 35.78 13.36 29.76
CA PRO A 348 35.64 14.67 29.08
C PRO A 348 35.87 14.68 27.58
N GLU A 349 36.56 13.68 27.05
CA GLU A 349 36.83 13.67 25.61
C GLU A 349 35.87 12.80 24.82
N ARG A 350 34.89 12.22 25.49
CA ARG A 350 33.93 11.32 24.86
C ARG A 350 32.51 11.88 24.87
N LYS A 351 31.91 12.06 23.69
CA LYS A 351 30.54 12.55 23.61
C LYS A 351 29.66 11.30 23.66
N SER A 352 28.40 11.47 24.07
CA SER A 352 27.51 10.31 24.21
C SER A 352 27.06 9.65 22.90
N GLY A 353 27.02 10.43 21.81
CA GLY A 353 26.52 9.90 20.56
C GLY A 353 25.12 10.42 20.31
N GLU A 354 24.43 10.93 21.34
CA GLU A 354 23.09 11.47 21.09
C GLU A 354 23.30 12.73 20.24
N GLN A 355 22.42 12.96 19.27
CA GLN A 355 22.58 14.11 18.36
C GLN A 355 22.04 15.46 18.82
N HIS A 356 21.26 15.48 19.89
CA HIS A 356 20.63 16.72 20.36
C HIS A 356 21.58 17.85 20.69
N ILE A 357 22.55 17.59 21.56
CA ILE A 357 23.46 18.67 21.92
C ILE A 357 24.31 19.15 20.73
N PRO A 358 24.89 18.22 19.94
CA PRO A 358 25.72 18.64 18.78
C PRO A 358 24.89 19.43 17.77
N PHE A 359 23.60 19.09 17.70
CA PHE A 359 22.70 19.76 16.80
C PHE A 359 22.55 21.20 17.28
N ILE A 360 22.39 21.38 18.59
CA ILE A 360 22.24 22.71 19.16
C ILE A 360 23.54 23.51 18.92
N ASP A 361 24.67 22.86 19.13
CA ASP A 361 25.95 23.50 18.94
C ASP A 361 26.20 23.87 17.47
N ALA A 362 25.67 23.07 16.55
CA ALA A 362 25.84 23.37 15.14
C ALA A 362 25.05 24.61 14.83
N LEU A 363 23.79 24.61 15.25
CA LEU A 363 22.93 25.74 14.98
C LEU A 363 23.38 27.05 15.61
N LEU A 364 23.71 27.02 16.90
CA LEU A 364 24.08 28.24 17.63
C LEU A 364 25.53 28.72 17.47
N ASN A 365 26.46 27.79 17.42
CA ASN A 365 27.85 28.17 17.30
C ASN A 365 28.53 27.83 15.97
N ASP A 366 27.75 27.41 14.99
CA ASP A 366 28.28 27.06 13.68
C ASP A 366 29.33 25.94 13.66
N ASN A 367 29.29 25.04 14.65
CA ASN A 367 30.24 23.93 14.62
C ASN A 367 29.48 22.88 13.78
N LYS A 368 29.61 23.01 12.46
CA LYS A 368 28.90 22.13 11.53
C LYS A 368 29.24 20.66 11.63
N ALA A 369 28.24 19.84 11.33
CA ALA A 369 28.42 18.41 11.38
C ALA A 369 27.31 17.69 10.61
N ARG A 370 27.52 16.40 10.39
CA ARG A 370 26.57 15.57 9.68
C ARG A 370 25.61 14.95 10.69
N PHE A 371 24.32 14.96 10.38
CA PHE A 371 23.32 14.40 11.30
C PHE A 371 22.36 13.53 10.49
N VAL A 372 21.62 12.65 11.16
CA VAL A 372 20.58 11.90 10.46
C VAL A 372 19.34 12.44 11.17
N VAL A 373 18.53 13.19 10.43
CA VAL A 373 17.37 13.89 10.98
C VAL A 373 16.06 13.50 10.34
N ASN A 374 14.98 13.72 11.08
CA ASN A 374 13.63 13.47 10.60
C ASN A 374 13.04 14.85 10.29
N ILE A 375 12.85 15.10 8.99
CA ILE A 375 12.32 16.37 8.47
C ILE A 375 11.35 16.14 7.34
N PRO A 376 10.52 17.15 7.05
CA PRO A 376 9.56 17.03 5.95
C PRO A 376 10.37 16.68 4.68
N ASN A 377 9.89 15.73 3.91
CA ASN A 377 10.58 15.26 2.72
C ASN A 377 10.89 16.34 1.68
N LYS A 378 9.88 17.10 1.29
CA LYS A 378 10.06 18.16 0.30
C LYS A 378 10.94 17.74 -0.89
N GLY A 379 10.66 16.56 -1.43
CA GLY A 379 11.39 16.09 -2.59
C GLY A 379 12.71 15.36 -2.37
N ILE A 380 13.17 15.25 -1.13
CA ILE A 380 14.46 14.58 -0.91
C ILE A 380 14.38 13.15 -1.38
N ILE A 381 13.39 12.39 -0.89
CA ILE A 381 13.24 11.03 -1.36
C ILE A 381 12.20 11.02 -2.48
N HIS A 382 12.62 10.50 -3.63
CA HIS A 382 11.76 10.40 -4.84
C HIS A 382 10.56 9.50 -4.57
N GLY A 383 9.39 9.91 -5.05
CA GLY A 383 8.19 9.10 -4.89
C GLY A 383 7.41 9.22 -3.59
N ILE A 384 7.88 10.06 -2.67
CA ILE A 384 7.18 10.25 -1.39
C ILE A 384 6.67 11.70 -1.33
N ASP A 385 5.46 11.90 -0.78
CA ASP A 385 4.89 13.25 -0.69
C ASP A 385 5.76 14.26 0.09
N ASP A 386 5.66 15.54 -0.29
CA ASP A 386 6.45 16.60 0.31
C ASP A 386 6.31 16.75 1.83
N ASP A 387 5.11 16.49 2.36
CA ASP A 387 4.86 16.68 3.78
C ASP A 387 4.93 15.41 4.65
N VAL A 388 5.59 14.36 4.13
CA VAL A 388 5.77 13.10 4.88
C VAL A 388 7.16 13.32 5.50
N VAL A 389 7.30 13.11 6.80
CA VAL A 389 8.61 13.30 7.44
C VAL A 389 9.49 12.07 7.17
N VAL A 390 10.70 12.30 6.64
CA VAL A 390 11.61 11.22 6.33
C VAL A 390 12.85 11.37 7.20
N GLU A 391 13.63 10.30 7.25
CA GLU A 391 14.83 10.28 8.06
C GLU A 391 15.96 10.20 7.05
N VAL A 392 16.74 11.30 6.93
CA VAL A 392 17.83 11.38 5.96
C VAL A 392 19.04 12.12 6.55
N PRO A 393 20.20 12.05 5.86
CA PRO A 393 21.38 12.74 6.39
C PRO A 393 21.33 14.20 5.96
N ALA A 394 21.95 15.06 6.76
CA ALA A 394 21.97 16.47 6.48
C ALA A 394 23.15 17.13 7.16
N LEU A 395 23.67 18.17 6.52
CA LEU A 395 24.73 18.95 7.13
C LEU A 395 23.97 19.98 7.95
N VAL A 396 24.38 20.23 9.18
CA VAL A 396 23.68 21.25 9.95
C VAL A 396 24.68 22.31 10.38
N ASP A 397 24.28 23.57 10.22
CA ASP A 397 25.14 24.66 10.64
C ASP A 397 24.33 25.89 11.10
N LYS A 398 24.97 27.05 11.23
CA LYS A 398 24.26 28.23 11.71
C LYS A 398 23.12 28.62 10.79
N ASN A 399 23.19 28.20 9.55
CA ASN A 399 22.14 28.53 8.61
C ASN A 399 21.05 27.49 8.56
N GLY A 400 21.11 26.52 9.46
CA GLY A 400 20.07 25.50 9.50
C GLY A 400 20.40 24.11 8.99
N ILE A 401 19.35 23.38 8.63
CA ILE A 401 19.46 22.02 8.14
C ILE A 401 19.58 21.96 6.61
N HIS A 402 20.66 21.37 6.11
CA HIS A 402 20.87 21.26 4.66
C HIS A 402 20.92 19.80 4.27
N PRO A 403 19.77 19.25 3.81
CA PRO A 403 19.65 17.84 3.41
C PRO A 403 20.62 17.44 2.32
N GLU A 404 21.22 16.27 2.49
CA GLU A 404 22.10 15.76 1.46
C GLU A 404 21.21 15.25 0.32
N LYS A 405 21.78 15.11 -0.87
CA LYS A 405 21.05 14.55 -2.01
C LYS A 405 21.18 13.05 -1.79
N ILE A 406 20.11 12.29 -2.02
CA ILE A 406 20.17 10.84 -1.81
C ILE A 406 20.77 10.19 -3.07
N GLU A 407 21.94 9.58 -2.93
CA GLU A 407 22.61 8.95 -4.06
C GLU A 407 23.57 7.84 -3.65
N PRO A 408 23.40 6.64 -4.22
CA PRO A 408 22.37 6.31 -5.20
C PRO A 408 20.97 6.46 -4.58
N PRO A 409 19.94 6.69 -5.40
CA PRO A 409 18.60 6.82 -4.84
C PRO A 409 18.18 5.48 -4.23
N LEU A 410 17.18 5.50 -3.35
CA LEU A 410 16.71 4.25 -2.78
C LEU A 410 16.19 3.40 -3.94
N PRO A 411 16.37 2.06 -3.88
CA PRO A 411 15.88 1.18 -4.95
C PRO A 411 14.36 1.31 -5.03
N ASP A 412 13.82 1.20 -6.24
CA ASP A 412 12.37 1.30 -6.40
C ASP A 412 11.62 0.31 -5.52
N ARG A 413 12.15 -0.90 -5.33
CA ARG A 413 11.43 -1.85 -4.49
C ARG A 413 11.24 -1.32 -3.09
N VAL A 414 12.25 -0.61 -2.57
CA VAL A 414 12.12 -0.08 -1.22
C VAL A 414 10.99 0.94 -1.17
N VAL A 415 10.95 1.86 -2.12
CA VAL A 415 9.90 2.90 -2.14
C VAL A 415 8.52 2.31 -2.38
N LYS A 416 8.41 1.45 -3.39
CA LYS A 416 7.11 0.86 -3.76
C LYS A 416 6.52 -0.18 -2.82
N TYR A 417 7.38 -1.05 -2.31
CA TYR A 417 6.87 -2.16 -1.49
C TYR A 417 7.09 -2.09 0.02
N TYR A 418 7.93 -1.15 0.47
CA TYR A 418 8.17 -1.02 1.89
C TYR A 418 7.66 0.34 2.39
N LEU A 419 8.25 1.43 1.91
CA LEU A 419 7.88 2.77 2.36
C LEU A 419 6.43 3.18 2.06
N ARG A 420 5.94 2.89 0.87
CA ARG A 420 4.56 3.27 0.56
C ARG A 420 3.51 2.64 1.48
N PRO A 421 3.58 1.33 1.75
CA PRO A 421 2.55 0.77 2.65
C PRO A 421 2.76 1.31 4.08
N ARG A 422 4.03 1.50 4.45
CA ARG A 422 4.31 2.03 5.82
C ARG A 422 3.74 3.46 5.94
N ILE A 423 3.87 4.23 4.86
CA ILE A 423 3.35 5.60 4.84
C ILE A 423 1.82 5.55 4.88
N MET A 424 1.22 4.59 4.18
CA MET A 424 -0.23 4.51 4.22
C MET A 424 -0.71 4.33 5.66
N ARG A 425 -0.08 3.47 6.44
CA ARG A 425 -0.52 3.33 7.83
C ARG A 425 -0.21 4.55 8.69
N MET A 426 0.85 5.27 8.37
CA MET A 426 1.11 6.52 9.09
C MET A 426 -0.06 7.47 8.75
N GLU A 427 -0.48 7.49 7.47
CA GLU A 427 -1.58 8.39 7.07
C GLU A 427 -2.87 8.03 7.78
N MET A 428 -3.12 6.74 7.95
CA MET A 428 -4.33 6.33 8.70
C MET A 428 -4.25 6.77 10.15
N ALA A 429 -3.08 6.60 10.77
CA ALA A 429 -2.92 6.98 12.18
C ALA A 429 -3.17 8.48 12.33
N LEU A 430 -2.62 9.27 11.42
CA LEU A 430 -2.81 10.72 11.52
C LEU A 430 -4.22 11.13 11.19
N GLU A 431 -4.84 10.49 10.19
CA GLU A 431 -6.22 10.85 9.86
C GLU A 431 -7.17 10.50 11.01
N ALA A 432 -7.00 9.32 11.61
CA ALA A 432 -7.84 8.94 12.75
C ALA A 432 -7.64 9.99 13.86
N PHE A 433 -6.38 10.31 14.17
CA PHE A 433 -6.10 11.29 15.21
C PHE A 433 -6.73 12.66 14.95
N LEU A 434 -6.55 13.18 13.73
CA LEU A 434 -7.07 14.50 13.42
C LEU A 434 -8.59 14.59 13.26
N THR A 435 -9.19 13.57 12.65
CA THR A 435 -10.63 13.61 12.40
C THR A 435 -11.54 13.03 13.48
N GLY A 436 -11.00 12.08 14.24
CA GLY A 436 -11.83 11.45 15.25
C GLY A 436 -12.76 10.47 14.58
N ASP A 437 -12.46 10.09 13.34
CA ASP A 437 -13.33 9.12 12.64
C ASP A 437 -12.86 7.71 12.99
N ILE A 438 -13.57 7.05 13.90
CA ILE A 438 -13.18 5.69 14.31
C ILE A 438 -13.13 4.69 13.16
N ARG A 439 -13.86 4.91 12.08
N ARG A 439 -13.86 4.97 12.09
CA ARG A 439 -13.79 3.92 10.99
CA ARG A 439 -13.87 4.06 10.95
C ARG A 439 -12.49 3.88 10.30
C ARG A 439 -12.40 3.78 10.41
N ILE A 440 -11.56 4.81 10.55
CA ILE A 440 -10.20 4.69 10.02
C ILE A 440 -9.49 3.55 10.76
N ILE A 441 -9.64 3.53 12.08
CA ILE A 441 -8.99 2.47 12.87
C ILE A 441 -9.68 1.14 12.60
N LYS A 442 -10.99 1.17 12.38
CA LYS A 442 -11.66 -0.07 12.05
C LYS A 442 -11.16 -0.55 10.69
N GLU A 443 -10.89 0.38 9.77
CA GLU A 443 -10.40 -0.02 8.45
C GLU A 443 -9.03 -0.70 8.53
N LEU A 444 -8.17 -0.18 9.40
CA LEU A 444 -6.85 -0.75 9.57
C LEU A 444 -7.02 -2.21 10.02
N LEU A 445 -7.93 -2.43 10.96
CA LEU A 445 -8.17 -3.79 11.46
C LEU A 445 -8.94 -4.67 10.46
N TYR A 446 -9.83 -4.09 9.64
CA TYR A 446 -10.53 -4.93 8.67
C TYR A 446 -9.54 -5.57 7.68
N ARG A 447 -8.43 -4.89 7.42
CA ARG A 447 -7.36 -5.32 6.50
C ARG A 447 -6.23 -6.08 7.14
N ASP A 448 -6.25 -6.14 8.46
CA ASP A 448 -5.22 -6.81 9.22
C ASP A 448 -5.32 -8.31 9.01
N PRO A 449 -4.19 -8.97 8.76
CA PRO A 449 -4.26 -10.41 8.55
C PRO A 449 -4.78 -11.21 9.75
N ARG A 450 -4.76 -10.60 10.93
CA ARG A 450 -5.19 -11.31 12.13
C ARG A 450 -6.68 -11.23 12.38
N THR A 451 -7.35 -10.31 11.70
CA THR A 451 -8.79 -10.11 11.82
C THR A 451 -9.60 -11.22 11.11
N LYS A 452 -10.53 -11.77 11.86
CA LYS A 452 -11.37 -12.87 11.36
C LYS A 452 -12.84 -12.48 11.28
N SER A 453 -13.22 -11.43 11.97
CA SER A 453 -14.62 -11.02 11.94
C SER A 453 -14.81 -9.54 12.31
N ASP A 454 -16.00 -9.01 12.03
CA ASP A 454 -16.32 -7.63 12.39
C ASP A 454 -16.50 -7.47 13.89
N GLU A 455 -16.99 -8.52 14.55
CA GLU A 455 -17.24 -8.47 15.99
C GLU A 455 -15.92 -8.30 16.75
N GLN A 456 -14.90 -9.02 16.30
CA GLN A 456 -13.54 -8.95 16.85
C GLN A 456 -13.01 -7.49 16.82
N VAL A 457 -13.21 -6.81 15.70
CA VAL A 457 -12.78 -5.42 15.56
C VAL A 457 -13.55 -4.53 16.50
N GLU A 458 -14.86 -4.68 16.56
CA GLU A 458 -15.64 -3.84 17.45
C GLU A 458 -15.23 -4.02 18.91
N LYS A 459 -15.00 -5.27 19.32
CA LYS A 459 -14.66 -5.54 20.71
C LYS A 459 -13.29 -5.03 21.13
N VAL A 460 -12.27 -5.26 20.31
CA VAL A 460 -10.95 -4.80 20.72
C VAL A 460 -10.95 -3.27 20.83
N ILE A 461 -11.60 -2.58 19.88
CA ILE A 461 -11.65 -1.13 19.93
C ILE A 461 -12.43 -0.63 21.13
N GLU A 462 -13.59 -1.23 21.37
CA GLU A 462 -14.41 -0.83 22.51
C GLU A 462 -13.64 -0.97 23.84
N GLU A 463 -12.94 -2.08 24.02
CA GLU A 463 -12.22 -2.28 25.29
C GLU A 463 -11.07 -1.27 25.48
N ILE A 464 -10.38 -0.94 24.40
CA ILE A 464 -9.30 0.04 24.48
C ILE A 464 -9.85 1.42 24.81
N LEU A 465 -10.94 1.78 24.13
CA LEU A 465 -11.55 3.08 24.38
C LEU A 465 -12.24 3.18 25.76
N ALA A 466 -12.45 2.03 26.42
CA ALA A 466 -13.10 2.03 27.73
C ALA A 466 -12.10 2.15 28.90
N LEU A 467 -10.80 2.05 28.61
CA LEU A 467 -9.82 2.20 29.66
C LEU A 467 -9.98 3.57 30.29
N PRO A 468 -9.82 3.67 31.61
CA PRO A 468 -9.96 4.92 32.38
C PRO A 468 -9.10 6.08 31.87
N GLU A 469 -7.88 5.80 31.47
CA GLU A 469 -7.03 6.86 30.96
C GLU A 469 -7.41 7.30 29.54
N ASN A 470 -8.40 6.64 28.94
CA ASN A 470 -8.83 7.00 27.58
C ASN A 470 -10.17 7.68 27.45
N GLU A 471 -10.62 8.34 28.51
CA GLU A 471 -11.91 9.01 28.42
C GLU A 471 -11.95 10.08 27.33
N GLU A 472 -10.95 10.95 27.23
CA GLU A 472 -11.06 11.93 26.17
C GLU A 472 -10.86 11.30 24.80
N MET A 473 -10.08 10.22 24.73
CA MET A 473 -9.88 9.54 23.46
C MET A 473 -11.26 9.00 23.03
N ARG A 474 -11.98 8.35 23.93
CA ARG A 474 -13.31 7.82 23.59
C ARG A 474 -14.22 8.94 23.10
N LYS A 475 -14.22 10.07 23.78
CA LYS A 475 -15.10 11.14 23.34
C LYS A 475 -14.65 11.68 21.98
N HIS A 476 -13.34 11.71 21.74
CA HIS A 476 -12.82 12.20 20.46
C HIS A 476 -13.34 11.34 19.31
N TYR A 477 -13.43 10.03 19.56
CA TYR A 477 -13.85 9.09 18.53
C TYR A 477 -15.35 8.80 18.40
N LEU A 478 -16.14 9.34 19.30
CA LEU A 478 -17.61 9.17 19.28
C LEU A 478 -18.18 9.68 17.95
N LYS A 479 -19.00 8.87 17.32
CA LYS A 479 -19.61 9.27 16.05
C LYS A 479 -20.52 10.48 16.27
N ARG A 480 -20.45 11.42 15.45
N VAL B 4 -10.95 0.75 -44.39
CA VAL B 4 -10.58 0.52 -42.95
C VAL B 4 -10.60 -0.96 -42.61
N LYS B 5 -9.51 -1.50 -42.08
CA LYS B 5 -9.49 -2.91 -41.68
C LYS B 5 -9.44 -3.00 -40.17
N ILE B 6 -10.31 -3.83 -39.62
CA ILE B 6 -10.38 -4.03 -38.19
C ILE B 6 -10.13 -5.49 -37.92
N GLY B 7 -9.14 -5.77 -37.09
CA GLY B 7 -8.82 -7.16 -36.76
C GLY B 7 -9.26 -7.44 -35.34
N ILE B 8 -9.83 -8.62 -35.13
CA ILE B 8 -10.30 -8.99 -33.83
C ILE B 8 -9.66 -10.30 -33.38
N ILE B 9 -8.85 -10.20 -32.33
CA ILE B 9 -8.16 -11.34 -31.76
C ILE B 9 -9.02 -11.98 -30.69
N GLY B 10 -9.29 -13.29 -30.85
CA GLY B 10 -10.15 -13.99 -29.90
C GLY B 10 -11.62 -13.88 -30.33
N ALA B 11 -11.83 -13.67 -31.63
CA ALA B 11 -13.19 -13.53 -32.19
C ALA B 11 -14.19 -14.59 -31.76
N GLY B 12 -13.68 -15.70 -31.25
CA GLY B 12 -14.57 -16.75 -30.79
C GLY B 12 -15.38 -16.31 -29.57
N SER B 13 -15.06 -15.13 -29.02
CA SER B 13 -15.78 -14.59 -27.86
C SER B 13 -17.06 -14.06 -28.50
N ALA B 14 -18.07 -14.93 -28.55
CA ALA B 14 -19.38 -14.70 -29.18
C ALA B 14 -20.11 -13.39 -28.96
N VAL B 15 -20.45 -13.11 -27.70
CA VAL B 15 -21.20 -11.91 -27.42
C VAL B 15 -20.45 -10.67 -27.87
N PHE B 16 -19.16 -10.62 -27.53
CA PHE B 16 -18.34 -9.47 -27.91
C PHE B 16 -18.30 -9.30 -29.42
N SER B 17 -18.03 -10.40 -30.12
CA SER B 17 -17.93 -10.33 -31.58
C SER B 17 -19.22 -9.98 -32.29
N LEU B 18 -20.30 -10.64 -31.90
CA LEU B 18 -21.60 -10.37 -32.51
C LEU B 18 -22.06 -8.94 -32.21
N ARG B 19 -21.70 -8.39 -31.04
CA ARG B 19 -22.09 -7.01 -30.75
C ARG B 19 -21.31 -6.04 -31.63
N LEU B 20 -20.03 -6.31 -31.90
CA LEU B 20 -19.27 -5.41 -32.74
C LEU B 20 -19.84 -5.50 -34.17
N VAL B 21 -20.18 -6.72 -34.58
CA VAL B 21 -20.77 -6.94 -35.90
C VAL B 21 -22.03 -6.07 -36.01
N SER B 22 -22.92 -6.25 -35.04
CA SER B 22 -24.16 -5.50 -35.03
C SER B 22 -23.94 -3.99 -35.13
N ASP B 23 -23.08 -3.44 -34.26
CA ASP B 23 -22.83 -1.99 -34.29
C ASP B 23 -22.17 -1.52 -35.57
N LEU B 24 -21.24 -2.31 -36.08
CA LEU B 24 -20.58 -1.94 -37.33
C LEU B 24 -21.64 -1.81 -38.43
N CYS B 25 -22.61 -2.72 -38.46
CA CYS B 25 -23.68 -2.69 -39.48
C CYS B 25 -24.52 -1.42 -39.39
N LYS B 26 -24.62 -0.85 -38.20
CA LYS B 26 -25.41 0.35 -37.94
C LYS B 26 -24.59 1.65 -37.95
N THR B 27 -23.33 1.59 -38.40
CA THR B 27 -22.49 2.77 -38.41
C THR B 27 -22.13 3.11 -39.85
N PRO B 28 -23.00 3.89 -40.51
CA PRO B 28 -22.79 4.30 -41.90
C PRO B 28 -21.37 4.76 -42.21
N GLY B 29 -20.75 5.43 -41.24
CA GLY B 29 -19.39 5.92 -41.42
C GLY B 29 -18.32 4.86 -41.59
N LEU B 30 -18.61 3.62 -41.22
CA LEU B 30 -17.63 2.57 -41.37
C LEU B 30 -17.99 1.58 -42.46
N SER B 31 -19.02 1.93 -43.22
CA SER B 31 -19.46 1.07 -44.32
C SER B 31 -18.24 0.85 -45.23
N GLY B 32 -18.11 -0.36 -45.76
CA GLY B 32 -16.99 -0.65 -46.64
C GLY B 32 -15.79 -1.26 -45.93
N SER B 33 -15.84 -1.30 -44.60
CA SER B 33 -14.74 -1.86 -43.81
C SER B 33 -14.58 -3.37 -43.93
N THR B 34 -13.36 -3.83 -43.67
CA THR B 34 -13.03 -5.25 -43.70
C THR B 34 -12.77 -5.67 -42.26
N VAL B 35 -13.37 -6.78 -41.86
CA VAL B 35 -13.19 -7.28 -40.49
C VAL B 35 -12.58 -8.67 -40.53
N THR B 36 -11.40 -8.81 -39.95
CA THR B 36 -10.69 -10.08 -39.92
C THR B 36 -10.86 -10.71 -38.54
N LEU B 37 -11.50 -11.87 -38.51
CA LEU B 37 -11.72 -12.57 -37.25
C LEU B 37 -10.60 -13.60 -37.07
N MET B 38 -9.99 -13.62 -35.89
CA MET B 38 -8.89 -14.53 -35.62
C MET B 38 -9.10 -15.20 -34.26
N ASP B 39 -8.83 -16.51 -34.22
CA ASP B 39 -8.94 -17.29 -32.99
C ASP B 39 -8.14 -18.56 -33.24
N ILE B 40 -7.84 -19.31 -32.19
CA ILE B 40 -7.12 -20.55 -32.36
C ILE B 40 -8.11 -21.71 -32.30
N ASP B 41 -9.37 -21.42 -31.95
CA ASP B 41 -10.41 -22.44 -31.90
C ASP B 41 -11.18 -22.33 -33.24
N GLU B 42 -10.78 -23.15 -34.19
CA GLU B 42 -11.36 -23.13 -35.53
C GLU B 42 -12.89 -23.20 -35.55
N GLU B 43 -13.42 -24.03 -34.68
CA GLU B 43 -14.86 -24.25 -34.56
C GLU B 43 -15.65 -23.01 -34.10
N ARG B 44 -15.24 -22.40 -32.99
CA ARG B 44 -15.94 -21.22 -32.51
C ARG B 44 -15.72 -20.11 -33.54
N LEU B 45 -14.56 -20.09 -34.15
CA LEU B 45 -14.24 -19.07 -35.17
C LEU B 45 -15.18 -19.16 -36.40
N ASP B 46 -15.33 -20.36 -36.93
CA ASP B 46 -16.19 -20.55 -38.10
C ASP B 46 -17.64 -20.16 -37.80
N ALA B 47 -18.11 -20.55 -36.62
CA ALA B 47 -19.47 -20.25 -36.19
C ALA B 47 -19.74 -18.73 -36.16
N ILE B 48 -18.84 -17.97 -35.56
CA ILE B 48 -19.03 -16.53 -35.49
C ILE B 48 -18.98 -15.93 -36.90
N LEU B 49 -18.04 -16.40 -37.71
CA LEU B 49 -17.92 -15.92 -39.08
C LEU B 49 -19.20 -16.22 -39.88
N THR B 50 -19.74 -17.42 -39.69
CA THR B 50 -20.96 -17.85 -40.37
C THR B 50 -22.15 -16.96 -39.97
N ILE B 51 -22.33 -16.74 -38.68
CA ILE B 51 -23.42 -15.88 -38.20
C ILE B 51 -23.23 -14.44 -38.68
N ALA B 52 -22.00 -13.93 -38.54
CA ALA B 52 -21.67 -12.56 -38.92
C ALA B 52 -21.99 -12.24 -40.40
N LYS B 53 -21.51 -13.07 -41.31
CA LYS B 53 -21.78 -12.83 -42.73
C LYS B 53 -23.27 -12.96 -43.04
N LYS B 54 -23.94 -13.86 -42.35
CA LYS B 54 -25.36 -14.05 -42.58
C LYS B 54 -26.16 -12.82 -42.12
N TYR B 55 -25.75 -12.23 -41.00
CA TYR B 55 -26.42 -11.04 -40.45
C TYR B 55 -26.18 -9.83 -41.37
N VAL B 56 -24.94 -9.68 -41.82
CA VAL B 56 -24.58 -8.60 -42.71
C VAL B 56 -25.43 -8.64 -43.99
N GLU B 57 -25.63 -9.85 -44.51
CA GLU B 57 -26.43 -10.05 -45.72
C GLU B 57 -27.84 -9.54 -45.46
N GLU B 58 -28.40 -10.04 -44.37
CA GLU B 58 -29.72 -9.66 -43.95
C GLU B 58 -29.93 -8.16 -43.95
N VAL B 59 -29.28 -7.44 -43.05
CA VAL B 59 -29.48 -5.99 -42.97
C VAL B 59 -28.90 -5.18 -44.14
N GLY B 60 -28.28 -5.86 -45.10
CA GLY B 60 -27.73 -5.18 -46.26
C GLY B 60 -26.55 -4.25 -46.06
N ALA B 61 -25.75 -4.50 -45.04
CA ALA B 61 -24.58 -3.65 -44.77
C ALA B 61 -23.45 -4.03 -45.72
N ASP B 62 -22.54 -3.09 -45.92
CA ASP B 62 -21.41 -3.31 -46.80
C ASP B 62 -20.17 -3.58 -45.96
N LEU B 63 -19.99 -4.84 -45.57
CA LEU B 63 -18.83 -5.24 -44.77
C LEU B 63 -18.31 -6.58 -45.22
N LYS B 64 -16.98 -6.68 -45.33
CA LYS B 64 -16.31 -7.92 -45.72
C LYS B 64 -15.73 -8.59 -44.49
N PHE B 65 -16.12 -9.83 -44.25
CA PHE B 65 -15.67 -10.58 -43.09
C PHE B 65 -14.81 -11.73 -43.55
N GLU B 66 -13.67 -11.91 -42.91
CA GLU B 66 -12.78 -13.02 -43.22
C GLU B 66 -12.30 -13.61 -41.90
N LYS B 67 -11.67 -14.78 -41.98
CA LYS B 67 -11.16 -15.41 -40.78
C LYS B 67 -9.70 -15.81 -41.02
N THR B 68 -8.97 -16.03 -39.93
CA THR B 68 -7.57 -16.44 -39.97
C THR B 68 -7.25 -17.03 -38.60
N MET B 69 -6.28 -17.93 -38.50
CA MET B 69 -5.92 -18.54 -37.21
C MET B 69 -4.50 -18.14 -36.97
N ASN B 70 -4.12 -17.15 -37.75
CA ASN B 70 -2.80 -16.61 -37.75
C ASN B 70 -2.80 -15.18 -37.27
N LEU B 71 -2.01 -14.94 -36.22
CA LEU B 71 -1.88 -13.61 -35.61
C LEU B 71 -1.33 -12.54 -36.57
N ASP B 72 -0.35 -12.90 -37.41
CA ASP B 72 0.21 -11.96 -38.36
C ASP B 72 -0.85 -11.48 -39.36
N ASP B 73 -1.72 -12.38 -39.78
CA ASP B 73 -2.70 -11.96 -40.77
C ASP B 73 -3.74 -11.00 -40.25
N VAL B 74 -4.12 -11.15 -39.00
CA VAL B 74 -5.12 -10.24 -38.44
C VAL B 74 -4.49 -8.84 -38.24
N ILE B 75 -3.18 -8.77 -38.01
CA ILE B 75 -2.53 -7.48 -37.79
C ILE B 75 -2.09 -6.72 -39.05
N ILE B 76 -1.57 -7.43 -40.04
CA ILE B 76 -1.13 -6.75 -41.26
C ILE B 76 -2.28 -5.96 -41.91
N ASP B 77 -1.98 -4.74 -42.33
CA ASP B 77 -2.95 -3.88 -43.00
C ASP B 77 -4.07 -3.37 -42.07
N ALA B 78 -4.06 -3.79 -40.81
CA ALA B 78 -5.10 -3.33 -39.89
C ALA B 78 -4.89 -1.91 -39.38
N ASP B 79 -6.00 -1.21 -39.17
CA ASP B 79 -6.00 0.14 -38.65
C ASP B 79 -6.34 0.06 -37.17
N PHE B 80 -7.04 -1.00 -36.81
CA PHE B 80 -7.46 -1.25 -35.44
C PHE B 80 -7.36 -2.72 -35.19
N VAL B 81 -6.79 -3.06 -34.05
CA VAL B 81 -6.64 -4.45 -33.65
C VAL B 81 -7.27 -4.52 -32.26
N ILE B 82 -8.35 -5.29 -32.15
CA ILE B 82 -9.10 -5.46 -30.93
C ILE B 82 -8.80 -6.83 -30.33
N ASN B 83 -8.29 -6.83 -29.11
CA ASN B 83 -7.96 -8.05 -28.42
C ASN B 83 -8.94 -8.44 -27.31
N THR B 84 -9.69 -9.51 -27.55
CA THR B 84 -10.65 -10.00 -26.57
C THR B 84 -10.30 -11.45 -26.22
N ALA B 85 -9.10 -11.89 -26.59
CA ALA B 85 -8.68 -13.26 -26.31
C ALA B 85 -8.23 -13.49 -24.87
N MET B 86 -8.50 -14.70 -24.35
CA MET B 86 -8.06 -15.09 -23.03
C MET B 86 -7.23 -16.39 -23.17
N VAL B 87 -5.91 -16.25 -23.10
CA VAL B 87 -5.00 -17.39 -23.24
C VAL B 87 -5.28 -18.41 -22.15
N GLY B 88 -5.46 -19.66 -22.56
CA GLY B 88 -5.75 -20.74 -21.61
C GLY B 88 -7.24 -20.91 -21.35
N GLY B 89 -8.03 -19.88 -21.66
CA GLY B 89 -9.47 -19.94 -21.43
C GLY B 89 -9.89 -20.14 -19.99
N HIS B 90 -11.17 -20.42 -19.79
CA HIS B 90 -11.68 -20.62 -18.45
C HIS B 90 -11.12 -21.91 -17.85
N THR B 91 -10.70 -22.84 -18.71
CA THR B 91 -10.13 -24.10 -18.26
C THR B 91 -8.88 -23.82 -17.42
N TYR B 92 -7.97 -23.05 -17.96
CA TYR B 92 -6.76 -22.69 -17.23
C TYR B 92 -7.10 -21.94 -15.93
N LEU B 93 -8.06 -21.01 -16.01
CA LEU B 93 -8.45 -20.23 -14.84
C LEU B 93 -8.89 -21.15 -13.70
N GLU B 94 -9.82 -22.07 -13.96
CA GLU B 94 -10.27 -22.95 -12.90
C GLU B 94 -9.19 -23.94 -12.43
N LYS B 95 -8.38 -24.42 -13.35
CA LYS B 95 -7.27 -25.33 -13.05
C LYS B 95 -6.42 -24.64 -11.95
N VAL B 96 -5.96 -23.43 -12.25
CA VAL B 96 -5.16 -22.65 -11.32
C VAL B 96 -5.91 -22.33 -10.03
N ARG B 97 -7.20 -21.98 -10.11
CA ARG B 97 -7.94 -21.68 -8.90
C ARG B 97 -8.01 -22.90 -7.97
N GLN B 98 -8.20 -24.09 -8.55
CA GLN B 98 -8.30 -25.33 -7.79
C GLN B 98 -6.98 -25.55 -7.03
N ILE B 99 -5.88 -25.29 -7.70
CA ILE B 99 -4.59 -25.41 -7.09
C ILE B 99 -4.48 -24.47 -5.89
N GLY B 100 -4.90 -23.21 -6.07
CA GLY B 100 -4.81 -22.26 -4.98
C GLY B 100 -5.60 -22.72 -3.79
N GLU B 101 -6.83 -23.15 -4.03
CA GLU B 101 -7.67 -23.60 -2.95
C GLU B 101 -7.11 -24.83 -2.26
N LYS B 102 -6.39 -25.65 -3.02
CA LYS B 102 -5.79 -26.87 -2.48
C LYS B 102 -4.83 -26.43 -1.36
N TYR B 103 -4.09 -25.35 -1.64
CA TYR B 103 -3.15 -24.82 -0.66
C TYR B 103 -3.69 -23.72 0.27
N GLY B 104 -5.00 -23.72 0.47
CA GLY B 104 -5.62 -22.77 1.38
C GLY B 104 -5.95 -21.34 0.95
N TYR B 105 -5.91 -21.07 -0.35
CA TYR B 105 -6.22 -19.73 -0.86
C TYR B 105 -7.61 -19.75 -1.47
N TYR B 106 -8.60 -19.38 -0.68
CA TYR B 106 -10.00 -19.35 -1.11
C TYR B 106 -10.11 -18.42 -2.31
N ARG B 107 -10.67 -18.97 -3.41
CA ARG B 107 -10.88 -18.30 -4.69
C ARG B 107 -9.62 -18.15 -5.51
N GLY B 108 -8.52 -18.75 -5.04
CA GLY B 108 -7.26 -18.72 -5.78
C GLY B 108 -6.32 -17.60 -5.39
N ILE B 109 -5.03 -17.77 -5.66
CA ILE B 109 -4.04 -16.75 -5.28
C ILE B 109 -4.20 -15.41 -6.02
N ASP B 110 -4.82 -15.40 -7.21
CA ASP B 110 -5.01 -14.15 -7.96
C ASP B 110 -6.11 -13.28 -7.34
N ALA B 111 -6.93 -13.86 -6.46
CA ALA B 111 -7.94 -13.08 -5.78
C ALA B 111 -7.15 -12.33 -4.69
N GLN B 112 -7.15 -11.01 -4.78
CA GLN B 112 -6.42 -10.19 -3.83
C GLN B 112 -7.30 -9.02 -3.39
N GLU B 113 -6.88 -8.36 -2.32
CA GLU B 113 -7.58 -7.17 -1.83
C GLU B 113 -7.68 -6.21 -3.03
N PHE B 114 -8.90 -5.73 -3.29
CA PHE B 114 -9.17 -4.82 -4.41
C PHE B 114 -9.08 -5.45 -5.80
N ASN B 115 -8.97 -6.79 -5.86
CA ASN B 115 -9.03 -7.49 -7.15
C ASN B 115 -9.58 -8.89 -6.95
N MET B 116 -10.91 -8.97 -6.73
CA MET B 116 -11.67 -10.21 -6.53
C MET B 116 -12.29 -10.70 -7.85
N VAL B 117 -12.32 -9.85 -8.89
CA VAL B 117 -12.93 -10.26 -10.17
C VAL B 117 -12.30 -11.59 -10.61
N SER B 118 -13.13 -12.64 -10.63
CA SER B 118 -12.63 -14.00 -10.90
C SER B 118 -11.85 -14.31 -12.16
N ASP B 119 -11.99 -13.50 -13.21
CA ASP B 119 -11.26 -13.76 -14.43
C ASP B 119 -10.22 -12.68 -14.66
N TYR B 120 -9.89 -11.95 -13.59
CA TYR B 120 -8.91 -10.88 -13.70
C TYR B 120 -7.57 -11.28 -13.08
N TYR B 121 -7.01 -12.38 -13.58
CA TYR B 121 -5.72 -12.86 -13.09
C TYR B 121 -4.62 -11.88 -13.46
N THR B 122 -3.64 -11.76 -12.58
CA THR B 122 -2.54 -10.85 -12.82
C THR B 122 -1.16 -11.48 -12.55
N PHE B 123 -1.15 -12.62 -11.85
CA PHE B 123 0.14 -13.27 -11.54
C PHE B 123 0.31 -14.67 -12.15
N SER B 124 -0.73 -15.48 -12.06
CA SER B 124 -0.63 -16.83 -12.60
C SER B 124 -0.79 -16.89 -14.13
N ASN B 125 -1.37 -15.83 -14.71
CA ASN B 125 -1.62 -15.81 -16.15
C ASN B 125 -0.52 -15.15 -16.95
N TYR B 126 0.70 -15.62 -16.71
CA TYR B 126 1.88 -15.15 -17.42
C TYR B 126 1.64 -15.25 -18.93
N ASN B 127 1.04 -16.35 -19.38
CA ASN B 127 0.83 -16.55 -20.81
C ASN B 127 -0.03 -15.46 -21.47
N GLN B 128 -1.06 -15.03 -20.74
CA GLN B 128 -1.98 -13.98 -21.18
C GLN B 128 -1.21 -12.64 -21.31
N LEU B 129 -0.45 -12.28 -20.29
CA LEU B 129 0.32 -11.05 -20.29
C LEU B 129 1.34 -11.05 -21.41
N LYS B 130 2.01 -12.19 -21.61
CA LYS B 130 2.96 -12.26 -22.70
C LYS B 130 2.26 -12.08 -24.04
N TYR B 131 1.05 -12.61 -24.18
CA TYR B 131 0.35 -12.44 -25.48
C TYR B 131 0.10 -10.95 -25.76
N PHE B 132 -0.32 -10.20 -24.74
CA PHE B 132 -0.56 -8.77 -24.92
C PHE B 132 0.69 -8.14 -25.49
N VAL B 133 1.84 -8.47 -24.92
CA VAL B 133 3.09 -7.92 -25.41
C VAL B 133 3.40 -8.44 -26.81
N ASP B 134 3.24 -9.74 -27.04
CA ASP B 134 3.52 -10.29 -28.36
C ASP B 134 2.68 -9.58 -29.43
N ILE B 135 1.39 -9.45 -29.15
CA ILE B 135 0.48 -8.78 -30.07
C ILE B 135 0.99 -7.37 -30.35
N ALA B 136 1.28 -6.65 -29.26
CA ALA B 136 1.75 -5.27 -29.37
C ALA B 136 3.05 -5.14 -30.19
N ARG B 137 4.02 -6.01 -29.95
CA ARG B 137 5.31 -5.94 -30.69
C ARG B 137 5.06 -6.20 -32.20
N LYS B 138 4.18 -7.14 -32.50
CA LYS B 138 3.87 -7.41 -33.92
C LYS B 138 3.19 -6.19 -34.55
N ILE B 139 2.35 -5.51 -33.79
CA ILE B 139 1.68 -4.31 -34.31
C ILE B 139 2.75 -3.28 -34.66
N GLU B 140 3.71 -3.11 -33.75
CA GLU B 140 4.81 -2.17 -33.92
C GLU B 140 5.62 -2.54 -35.18
N LYS B 141 5.82 -3.83 -35.38
CA LYS B 141 6.58 -4.37 -36.51
C LYS B 141 5.86 -4.29 -37.85
N LEU B 142 4.64 -4.81 -37.86
CA LEU B 142 3.80 -4.91 -39.06
C LEU B 142 2.82 -3.78 -39.42
N SER B 143 2.26 -3.11 -38.43
CA SER B 143 1.31 -2.03 -38.68
C SER B 143 1.45 -1.01 -37.56
N PRO B 144 2.63 -0.39 -37.46
CA PRO B 144 2.94 0.61 -36.43
C PRO B 144 1.88 1.69 -36.20
N LYS B 145 1.06 1.97 -37.20
CA LYS B 145 0.05 3.02 -37.01
C LYS B 145 -1.30 2.51 -36.46
N ALA B 146 -1.45 1.20 -36.39
CA ALA B 146 -2.70 0.64 -35.88
C ALA B 146 -2.88 0.98 -34.41
N TRP B 147 -4.14 1.04 -33.99
CA TRP B 147 -4.48 1.27 -32.58
C TRP B 147 -4.67 -0.12 -31.98
N TYR B 148 -4.14 -0.34 -30.78
CA TYR B 148 -4.34 -1.61 -30.07
C TYR B 148 -5.50 -1.32 -29.08
N LEU B 149 -6.61 -2.04 -29.20
CA LEU B 149 -7.77 -1.82 -28.34
C LEU B 149 -7.94 -3.06 -27.47
N GLN B 150 -7.70 -2.93 -26.18
CA GLN B 150 -7.80 -4.10 -25.35
C GLN B 150 -9.07 -4.24 -24.57
N ALA B 151 -9.72 -5.37 -24.82
CA ALA B 151 -10.96 -5.73 -24.19
C ALA B 151 -10.68 -6.82 -23.17
N ALA B 152 -9.72 -7.68 -23.50
CA ALA B 152 -9.35 -8.78 -22.61
C ALA B 152 -8.81 -8.30 -21.27
N ASN B 153 -9.04 -9.07 -20.22
CA ASN B 153 -8.52 -8.76 -18.90
C ASN B 153 -7.18 -9.48 -18.70
N PRO B 154 -6.31 -8.93 -17.83
CA PRO B 154 -6.60 -7.73 -17.05
C PRO B 154 -6.32 -6.42 -17.79
N ILE B 155 -7.31 -5.54 -17.86
CA ILE B 155 -7.10 -4.29 -18.59
C ILE B 155 -6.08 -3.37 -17.93
N PHE B 156 -6.19 -3.18 -16.61
CA PHE B 156 -5.28 -2.33 -15.87
C PHE B 156 -3.83 -2.81 -16.04
N GLU B 157 -3.49 -3.98 -15.54
CA GLU B 157 -2.11 -4.51 -15.71
C GLU B 157 -1.68 -4.58 -17.19
N GLY B 158 -2.57 -5.13 -18.02
CA GLY B 158 -2.26 -5.32 -19.44
C GLY B 158 -1.99 -4.04 -20.19
N THR B 159 -2.87 -3.05 -20.04
CA THR B 159 -2.65 -1.78 -20.74
C THR B 159 -1.45 -1.02 -20.17
N THR B 160 -1.23 -1.12 -18.86
CA THR B 160 -0.07 -0.44 -18.25
C THR B 160 1.16 -1.13 -18.82
N LEU B 161 1.12 -2.46 -18.85
CA LEU B 161 2.28 -3.19 -19.37
C LEU B 161 2.61 -2.79 -20.82
N VAL B 162 1.61 -2.86 -21.71
CA VAL B 162 1.80 -2.52 -23.12
C VAL B 162 2.27 -1.09 -23.35
N THR B 163 1.60 -0.12 -22.74
CA THR B 163 1.99 1.30 -22.93
C THR B 163 3.36 1.62 -22.38
N ARG B 164 3.77 0.94 -21.33
CA ARG B 164 5.11 1.22 -20.79
C ARG B 164 6.20 0.58 -21.63
N THR B 165 5.88 -0.49 -22.33
CA THR B 165 6.95 -1.18 -23.05
C THR B 165 6.98 -1.13 -24.57
N VAL B 166 5.85 -0.87 -25.21
CA VAL B 166 5.83 -0.84 -26.67
C VAL B 166 5.32 0.51 -27.15
N PRO B 167 6.06 1.16 -28.05
CA PRO B 167 5.64 2.47 -28.55
C PRO B 167 4.52 2.50 -29.60
N ILE B 168 3.33 2.01 -29.25
CA ILE B 168 2.19 2.02 -30.17
C ILE B 168 1.01 2.67 -29.45
N LYS B 169 -0.02 3.01 -30.20
CA LYS B 169 -1.21 3.61 -29.63
C LYS B 169 -2.04 2.48 -29.04
N ALA B 170 -2.36 2.59 -27.76
CA ALA B 170 -3.13 1.58 -27.08
C ALA B 170 -4.11 2.20 -26.09
N VAL B 171 -5.30 1.62 -25.99
CA VAL B 171 -6.30 2.10 -25.05
C VAL B 171 -7.04 0.87 -24.57
N GLY B 172 -7.56 0.91 -23.35
CA GLY B 172 -8.35 -0.20 -22.84
C GLY B 172 -9.80 0.25 -22.71
N PHE B 173 -10.76 -0.64 -22.99
CA PHE B 173 -12.19 -0.34 -22.95
C PHE B 173 -12.98 -1.37 -22.17
N CSD B 174 -13.88 -0.87 -21.34
CA CSD B 174 -14.72 -1.70 -20.52
CB CSD B 174 -14.10 -1.77 -19.13
SG CSD B 174 -14.86 -2.99 -18.03
C CSD B 174 -16.14 -1.12 -20.39
O CSD B 174 -16.38 0.05 -20.71
OD1 CSD B 174 -13.82 -3.97 -17.68
OD2 CSD B 174 -15.37 -2.24 -16.85
N HIS B 175 -17.08 -1.92 -19.89
CA HIS B 175 -18.45 -1.46 -19.74
C HIS B 175 -18.89 -1.15 -18.27
N GLY B 176 -17.99 -1.42 -17.32
CA GLY B 176 -18.29 -1.17 -15.91
C GLY B 176 -18.93 0.16 -15.52
N HIS B 177 -18.46 1.25 -16.10
CA HIS B 177 -19.00 2.57 -15.78
C HIS B 177 -20.52 2.69 -15.89
N TYR B 178 -21.16 1.77 -16.61
CA TYR B 178 -22.61 1.81 -16.77
C TYR B 178 -23.41 1.69 -15.48
N GLY B 179 -22.71 1.35 -14.40
CA GLY B 179 -23.36 1.25 -13.11
C GLY B 179 -23.96 2.61 -12.78
N VAL B 180 -23.39 3.66 -13.40
CA VAL B 180 -23.91 5.00 -13.14
C VAL B 180 -25.37 5.05 -13.59
N MET B 181 -25.68 4.49 -14.76
CA MET B 181 -27.06 4.53 -15.24
C MET B 181 -28.03 3.83 -14.30
N GLU B 182 -27.61 2.73 -13.67
CA GLU B 182 -28.53 2.06 -12.75
C GLU B 182 -28.87 2.99 -11.60
N ILE B 183 -27.86 3.69 -11.10
CA ILE B 183 -28.11 4.64 -10.00
C ILE B 183 -29.09 5.72 -10.45
N VAL B 184 -28.84 6.25 -11.65
CA VAL B 184 -29.71 7.30 -12.21
C VAL B 184 -31.16 6.81 -12.29
N GLU B 185 -31.34 5.63 -12.89
CA GLU B 185 -32.67 5.02 -13.01
C GLU B 185 -33.35 4.75 -11.66
N LYS B 186 -32.64 4.13 -10.72
CA LYS B 186 -33.27 3.83 -9.44
C LYS B 186 -33.67 5.09 -8.68
N LEU B 187 -32.95 6.19 -8.90
CA LEU B 187 -33.27 7.42 -8.21
C LEU B 187 -34.38 8.18 -8.95
N GLY B 188 -34.72 7.71 -10.14
CA GLY B 188 -35.78 8.32 -10.94
C GLY B 188 -35.40 9.63 -11.60
N LEU B 189 -34.14 9.76 -11.96
CA LEU B 189 -33.66 10.98 -12.59
C LEU B 189 -33.65 10.97 -14.10
N GLU B 190 -33.82 12.15 -14.70
CA GLU B 190 -33.74 12.29 -16.14
C GLU B 190 -32.23 12.28 -16.49
N GLU B 191 -31.82 11.27 -17.26
CA GLU B 191 -30.44 11.11 -17.64
C GLU B 191 -29.78 12.36 -18.22
N GLU B 192 -30.48 13.07 -19.10
CA GLU B 192 -29.92 14.26 -19.71
C GLU B 192 -29.68 15.42 -18.75
N LYS B 193 -30.23 15.34 -17.54
CA LYS B 193 -30.03 16.39 -16.57
C LYS B 193 -28.95 15.99 -15.56
N VAL B 194 -28.35 14.82 -15.76
CA VAL B 194 -27.31 14.37 -14.83
C VAL B 194 -25.92 14.65 -15.38
N ASP B 195 -25.12 15.31 -14.56
CA ASP B 195 -23.75 15.67 -14.88
C ASP B 195 -22.91 14.78 -13.99
N TRP B 196 -22.32 13.75 -14.58
CA TRP B 196 -21.52 12.80 -13.81
C TRP B 196 -20.11 12.62 -14.34
N GLN B 197 -19.24 12.09 -13.49
CA GLN B 197 -17.87 11.78 -13.90
C GLN B 197 -17.43 10.60 -13.04
N VAL B 198 -16.56 9.74 -13.60
CA VAL B 198 -15.98 8.65 -12.82
C VAL B 198 -14.46 8.78 -13.07
N ALA B 199 -13.67 8.21 -12.16
CA ALA B 199 -12.21 8.22 -12.27
C ALA B 199 -11.65 7.11 -11.36
N GLY B 200 -10.49 6.57 -11.75
CA GLY B 200 -9.84 5.53 -10.97
C GLY B 200 -9.00 4.68 -11.92
N VAL B 201 -8.94 3.37 -11.68
CA VAL B 201 -8.24 2.47 -12.59
C VAL B 201 -9.32 1.48 -13.03
N ASN B 202 -9.05 0.67 -14.04
CA ASN B 202 -10.06 -0.27 -14.50
C ASN B 202 -10.56 -1.14 -13.33
N HIS B 203 -11.89 -1.31 -13.23
CA HIS B 203 -12.55 -2.06 -12.15
C HIS B 203 -12.17 -1.43 -10.78
N GLY B 204 -11.82 -0.14 -10.81
CA GLY B 204 -11.43 0.59 -9.62
C GLY B 204 -11.78 2.07 -9.80
N ILE B 205 -12.99 2.32 -10.30
CA ILE B 205 -13.46 3.69 -10.56
C ILE B 205 -14.54 4.10 -9.59
N TRP B 206 -14.62 5.40 -9.38
CA TRP B 206 -15.51 5.99 -8.41
C TRP B 206 -16.23 7.14 -9.05
N LEU B 207 -17.45 7.38 -8.59
CA LEU B 207 -18.30 8.45 -9.08
C LEU B 207 -17.86 9.75 -8.42
N ASN B 208 -16.79 10.35 -8.92
CA ASN B 208 -16.27 11.55 -8.28
C ASN B 208 -17.17 12.78 -8.40
N ARG B 209 -18.04 12.75 -9.39
CA ARG B 209 -18.98 13.86 -9.63
C ARG B 209 -20.34 13.26 -9.92
N PHE B 210 -21.36 13.75 -9.23
CA PHE B 210 -22.73 13.25 -9.44
C PHE B 210 -23.63 14.45 -9.14
N ARG B 211 -24.10 15.10 -10.20
N ARG B 211 -24.10 15.09 -10.20
CA ARG B 211 -24.94 16.27 -10.04
CA ARG B 211 -24.95 16.26 -10.06
C ARG B 211 -26.20 16.14 -10.90
C ARG B 211 -26.18 16.17 -10.91
N TYR B 212 -27.24 16.86 -10.51
CA TYR B 212 -28.49 16.80 -11.24
C TYR B 212 -29.03 18.21 -11.28
N ASN B 213 -29.26 18.71 -12.49
CA ASN B 213 -29.76 20.07 -12.66
C ASN B 213 -28.81 21.01 -11.95
N GLY B 214 -27.53 20.66 -11.98
CA GLY B 214 -26.52 21.50 -11.38
C GLY B 214 -26.20 21.38 -9.90
N GLY B 215 -27.05 20.72 -9.12
CA GLY B 215 -26.77 20.56 -7.70
C GLY B 215 -26.21 19.19 -7.38
N ASN B 216 -25.56 19.05 -6.23
CA ASN B 216 -25.00 17.78 -5.84
C ASN B 216 -26.16 16.77 -5.73
N ALA B 217 -26.04 15.63 -6.40
CA ALA B 217 -27.10 14.63 -6.36
C ALA B 217 -26.90 13.51 -5.32
N TYR B 218 -25.72 13.48 -4.65
CA TYR B 218 -25.50 12.44 -3.63
C TYR B 218 -26.60 12.46 -2.53
N PRO B 219 -27.16 13.63 -2.19
CA PRO B 219 -28.22 13.66 -1.15
C PRO B 219 -29.40 12.83 -1.61
N LEU B 220 -29.61 12.73 -2.92
CA LEU B 220 -30.69 11.91 -3.47
C LEU B 220 -30.37 10.43 -3.29
N LEU B 221 -29.09 10.06 -3.37
CA LEU B 221 -28.73 8.67 -3.15
C LEU B 221 -28.88 8.37 -1.66
N ASP B 222 -28.53 9.34 -0.82
CA ASP B 222 -28.64 9.17 0.63
C ASP B 222 -30.12 8.90 0.98
N LYS B 223 -31.03 9.62 0.31
CA LYS B 223 -32.47 9.46 0.52
C LYS B 223 -32.85 8.01 0.17
N TRP B 224 -32.39 7.55 -0.99
CA TRP B 224 -32.68 6.19 -1.44
C TRP B 224 -32.15 5.15 -0.47
N ILE B 225 -30.93 5.36 0.00
CA ILE B 225 -30.34 4.43 0.95
C ILE B 225 -31.20 4.38 2.21
N GLU B 226 -31.49 5.56 2.74
CA GLU B 226 -32.27 5.64 3.96
C GLU B 226 -33.70 5.08 3.83
N GLU B 227 -34.33 5.26 2.67
CA GLU B 227 -35.70 4.81 2.53
C GLU B 227 -35.97 3.54 1.72
N LYS B 228 -35.10 3.19 0.76
CA LYS B 228 -35.35 2.03 -0.07
C LYS B 228 -34.34 0.88 -0.09
N SER B 229 -33.13 1.09 0.45
CA SER B 229 -32.13 0.03 0.41
C SER B 229 -32.55 -1.27 1.12
N LYS B 230 -33.30 -1.14 2.20
CA LYS B 230 -33.79 -2.29 2.94
C LYS B 230 -34.61 -3.23 2.05
N ASP B 231 -35.13 -2.75 0.93
CA ASP B 231 -35.93 -3.62 0.06
C ASP B 231 -35.15 -4.07 -1.16
N TRP B 232 -33.89 -3.64 -1.26
CA TRP B 232 -33.04 -3.99 -2.39
C TRP B 232 -32.69 -5.48 -2.43
N LYS B 233 -32.71 -6.07 -3.62
CA LYS B 233 -32.30 -7.46 -3.85
C LYS B 233 -31.66 -7.50 -5.23
N PRO B 234 -30.61 -8.32 -5.41
CA PRO B 234 -29.98 -8.38 -6.73
C PRO B 234 -30.73 -9.30 -7.69
N GLU B 235 -30.77 -8.90 -8.98
CA GLU B 235 -31.44 -9.67 -10.04
C GLU B 235 -30.61 -10.85 -10.55
N ASN B 236 -29.30 -10.76 -10.37
CA ASN B 236 -28.37 -11.82 -10.79
C ASN B 236 -27.10 -11.62 -9.96
N PRO B 237 -26.09 -12.49 -10.13
CA PRO B 237 -24.86 -12.34 -9.33
C PRO B 237 -24.07 -11.03 -9.54
N PHE B 238 -24.20 -10.40 -10.71
CA PHE B 238 -23.46 -9.17 -11.04
C PHE B 238 -24.16 -7.87 -10.64
N ASN B 239 -25.42 -7.97 -10.23
CA ASN B 239 -26.23 -6.79 -9.92
C ASN B 239 -25.97 -6.22 -8.52
N ASP B 240 -24.73 -5.83 -8.24
CA ASP B 240 -24.38 -5.34 -6.91
C ASP B 240 -24.09 -3.84 -6.77
N GLN B 241 -24.47 -3.06 -7.78
CA GLN B 241 -24.22 -1.61 -7.72
C GLN B 241 -24.81 -0.90 -6.52
N LEU B 242 -25.95 -1.39 -6.01
CA LEU B 242 -26.60 -0.77 -4.86
C LEU B 242 -26.66 -1.71 -3.65
N SER B 243 -25.78 -2.69 -3.66
CA SER B 243 -25.64 -3.68 -2.60
C SER B 243 -25.08 -3.05 -1.29
N PRO B 244 -25.14 -3.80 -0.18
CA PRO B 244 -24.64 -3.33 1.09
C PRO B 244 -23.15 -3.02 0.99
N ALA B 245 -22.44 -3.80 0.18
CA ALA B 245 -21.02 -3.59 -0.06
C ALA B 245 -20.79 -2.20 -0.68
N ALA B 246 -21.53 -1.93 -1.75
CA ALA B 246 -21.38 -0.66 -2.44
C ALA B 246 -21.66 0.51 -1.48
N ILE B 247 -22.78 0.43 -0.75
CA ILE B 247 -23.18 1.48 0.19
C ILE B 247 -22.13 1.69 1.27
N ASP B 248 -21.60 0.58 1.76
CA ASP B 248 -20.60 0.65 2.82
C ASP B 248 -19.31 1.30 2.31
N MET B 249 -18.90 0.97 1.09
CA MET B 249 -17.69 1.58 0.50
C MET B 249 -17.97 3.07 0.32
N TYR B 250 -19.16 3.40 -0.15
CA TYR B 250 -19.56 4.81 -0.33
C TYR B 250 -19.46 5.56 1.01
N ARG B 251 -19.99 4.96 2.06
CA ARG B 251 -19.92 5.59 3.38
C ARG B 251 -18.47 5.84 3.87
N PHE B 252 -17.55 4.95 3.55
CA PHE B 252 -16.16 5.14 4.00
C PHE B 252 -15.39 6.10 3.12
N TYR B 253 -15.45 5.85 1.82
CA TYR B 253 -14.70 6.65 0.85
C TYR B 253 -15.28 8.02 0.47
N GLY B 254 -16.58 8.23 0.70
CA GLY B 254 -17.17 9.51 0.34
C GLY B 254 -17.77 9.59 -1.06
N VAL B 255 -17.45 8.63 -1.93
CA VAL B 255 -17.99 8.57 -3.27
C VAL B 255 -18.37 7.14 -3.56
N MET B 256 -19.31 6.94 -4.46
CA MET B 256 -19.76 5.59 -4.80
C MET B 256 -18.82 4.83 -5.73
N PRO B 257 -18.52 3.57 -5.35
CA PRO B 257 -17.64 2.75 -6.19
C PRO B 257 -18.58 2.38 -7.35
N ILE B 258 -18.06 2.27 -8.56
CA ILE B 258 -18.91 2.01 -9.73
C ILE B 258 -18.57 0.70 -10.44
N GLY B 259 -19.62 -0.03 -10.80
CA GLY B 259 -19.45 -1.25 -11.55
C GLY B 259 -18.68 -2.35 -10.82
N ASP B 260 -17.72 -2.94 -11.51
CA ASP B 260 -16.90 -4.00 -10.92
C ASP B 260 -16.09 -3.56 -9.71
N THR B 261 -15.97 -2.26 -9.54
CA THR B 261 -15.24 -1.77 -8.37
C THR B 261 -15.88 -2.34 -7.11
N VAL B 262 -17.20 -2.53 -7.13
CA VAL B 262 -17.92 -3.01 -5.95
C VAL B 262 -17.46 -4.44 -5.55
N ARG B 263 -17.19 -5.26 -6.56
CA ARG B 263 -16.68 -6.63 -6.37
C ARG B 263 -15.25 -6.53 -5.80
N ASN B 264 -14.54 -5.49 -6.20
CA ASN B 264 -13.17 -5.28 -5.75
C ASN B 264 -12.96 -4.54 -4.45
N SER B 265 -13.47 -5.12 -3.37
CA SER B 265 -13.35 -4.56 -2.05
C SER B 265 -12.19 -5.28 -1.37
N SER B 266 -12.02 -5.00 -0.09
CA SER B 266 -10.99 -5.64 0.72
C SER B 266 -11.48 -7.06 1.08
N TRP B 267 -10.64 -7.83 1.78
CA TRP B 267 -11.03 -9.18 2.18
C TRP B 267 -12.22 -9.20 3.15
N ARG B 268 -12.51 -8.06 3.79
CA ARG B 268 -13.61 -8.02 4.74
C ARG B 268 -14.93 -8.61 4.23
N TYR B 269 -15.31 -8.28 2.98
CA TYR B 269 -16.57 -8.76 2.42
C TYR B 269 -16.44 -10.14 1.75
N HIS B 270 -15.24 -10.74 1.78
CA HIS B 270 -15.03 -12.01 1.08
C HIS B 270 -14.37 -13.12 1.92
N ARG B 271 -14.54 -13.06 3.23
CA ARG B 271 -13.90 -14.05 4.11
C ARG B 271 -14.37 -15.47 3.84
N ASP B 272 -15.66 -15.61 3.55
CA ASP B 272 -16.24 -16.93 3.25
C ASP B 272 -17.55 -16.68 2.52
N LEU B 273 -18.23 -17.76 2.13
CA LEU B 273 -19.48 -17.59 1.40
C LEU B 273 -20.56 -16.85 2.16
N GLU B 274 -20.75 -17.15 3.44
CA GLU B 274 -21.80 -16.46 4.17
C GLU B 274 -21.54 -14.95 4.24
N THR B 275 -20.26 -14.56 4.34
CA THR B 275 -19.91 -13.16 4.41
C THR B 275 -20.21 -12.52 3.04
N LYS B 276 -19.91 -13.23 1.95
CA LYS B 276 -20.21 -12.72 0.61
C LYS B 276 -21.72 -12.50 0.46
N LYS B 277 -22.52 -13.42 1.03
CA LYS B 277 -23.96 -13.25 0.91
C LYS B 277 -24.42 -12.02 1.68
N LYS B 278 -23.83 -11.78 2.83
CA LYS B 278 -24.21 -10.65 3.65
C LYS B 278 -23.97 -9.34 2.90
N TRP B 279 -22.83 -9.26 2.23
CA TRP B 279 -22.45 -8.03 1.54
C TRP B 279 -22.93 -7.85 0.10
N TYR B 280 -23.10 -8.95 -0.61
CA TYR B 280 -23.47 -8.91 -2.00
C TYR B 280 -24.88 -9.43 -2.28
N GLY B 281 -25.56 -9.88 -1.22
CA GLY B 281 -26.93 -10.34 -1.35
C GLY B 281 -27.17 -11.81 -1.62
N GLU B 282 -28.39 -12.25 -1.30
CA GLU B 282 -28.82 -13.64 -1.50
C GLU B 282 -29.37 -13.74 -2.91
N PRO B 283 -29.30 -14.92 -3.52
CA PRO B 283 -28.76 -16.18 -3.02
C PRO B 283 -27.32 -16.48 -3.46
N TRP B 284 -26.75 -15.66 -4.35
CA TRP B 284 -25.41 -15.96 -4.87
C TRP B 284 -24.15 -15.51 -4.14
N GLY B 285 -24.26 -14.46 -3.35
CA GLY B 285 -23.05 -13.97 -2.68
C GLY B 285 -22.16 -13.26 -3.70
N GLY B 286 -22.76 -12.64 -4.71
CA GLY B 286 -21.98 -11.93 -5.72
C GLY B 286 -21.45 -12.80 -6.83
N ALA B 287 -20.84 -12.17 -7.82
CA ALA B 287 -20.33 -12.89 -8.98
C ALA B 287 -19.08 -13.69 -8.71
N ASP B 288 -18.42 -13.40 -7.59
CA ASP B 288 -17.16 -14.03 -7.28
C ASP B 288 -17.13 -15.13 -6.21
N SER B 289 -18.31 -15.68 -5.93
CA SER B 289 -18.43 -16.81 -5.02
C SER B 289 -18.39 -18.02 -5.96
N GLU B 290 -18.35 -19.22 -5.43
CA GLU B 290 -18.33 -20.35 -6.33
C GLU B 290 -19.70 -20.47 -7.03
N ILE B 291 -20.79 -20.15 -6.30
CA ILE B 291 -22.16 -20.22 -6.86
C ILE B 291 -22.35 -19.16 -7.98
N GLY B 292 -22.00 -17.92 -7.67
CA GLY B 292 -22.16 -16.84 -8.62
C GLY B 292 -21.28 -17.04 -9.84
N TRP B 293 -20.03 -17.43 -9.63
CA TRP B 293 -19.15 -17.64 -10.76
C TRP B 293 -19.64 -18.81 -11.63
N LYS B 294 -20.15 -19.85 -11.01
CA LYS B 294 -20.67 -20.98 -11.79
C LYS B 294 -21.86 -20.50 -12.65
N TRP B 295 -22.75 -19.70 -12.06
CA TRP B 295 -23.91 -19.14 -12.74
C TRP B 295 -23.40 -18.47 -14.02
N TYR B 296 -22.38 -17.66 -13.88
CA TYR B 296 -21.77 -16.98 -15.03
C TYR B 296 -21.14 -17.96 -16.03
N GLN B 297 -20.42 -18.96 -15.53
CA GLN B 297 -19.79 -19.92 -16.45
C GLN B 297 -20.87 -20.61 -17.28
N ASP B 298 -21.98 -20.94 -16.65
CA ASP B 298 -23.09 -21.58 -17.35
C ASP B 298 -23.57 -20.70 -18.48
N THR B 299 -23.72 -19.40 -18.25
CA THR B 299 -24.18 -18.52 -19.33
C THR B 299 -23.22 -18.57 -20.51
N LEU B 300 -21.92 -18.60 -20.24
CA LEU B 300 -20.93 -18.61 -21.32
C LEU B 300 -21.03 -19.89 -22.15
N GLY B 301 -21.15 -21.03 -21.45
CA GLY B 301 -21.29 -22.29 -22.15
C GLY B 301 -22.56 -22.28 -22.99
N LYS B 302 -23.64 -21.77 -22.43
CA LYS B 302 -24.87 -21.72 -23.17
C LYS B 302 -24.70 -20.90 -24.45
N VAL B 303 -24.11 -19.71 -24.34
CA VAL B 303 -23.91 -18.89 -25.52
C VAL B 303 -23.09 -19.59 -26.60
N THR B 304 -21.99 -20.23 -26.22
CA THR B 304 -21.23 -20.89 -27.27
C THR B 304 -22.04 -22.03 -27.95
N GLU B 305 -22.79 -22.81 -27.17
CA GLU B 305 -23.61 -23.89 -27.76
C GLU B 305 -24.59 -23.28 -28.78
N ILE B 306 -25.28 -22.23 -28.35
CA ILE B 306 -26.24 -21.51 -29.18
C ILE B 306 -25.65 -21.15 -30.55
N THR B 307 -24.51 -20.46 -30.54
CA THR B 307 -23.89 -20.02 -31.78
C THR B 307 -23.43 -21.15 -32.69
N LYS B 308 -23.10 -22.29 -32.12
CA LYS B 308 -22.67 -23.41 -32.96
C LYS B 308 -23.92 -24.03 -33.59
N LYS B 309 -24.97 -24.18 -32.80
CA LYS B 309 -26.22 -24.76 -33.31
C LYS B 309 -26.72 -23.89 -34.46
N VAL B 310 -26.79 -22.57 -34.24
CA VAL B 310 -27.27 -21.66 -35.27
C VAL B 310 -26.36 -21.60 -36.50
N ALA B 311 -25.04 -21.60 -36.28
CA ALA B 311 -24.14 -21.56 -37.44
C ALA B 311 -24.42 -22.79 -38.31
N LYS B 312 -24.71 -23.93 -37.69
CA LYS B 312 -25.00 -25.14 -38.41
C LYS B 312 -26.26 -24.97 -39.28
N PHE B 313 -27.33 -24.50 -38.66
CA PHE B 313 -28.60 -24.28 -39.35
C PHE B 313 -28.38 -23.40 -40.57
N ILE B 314 -27.55 -22.38 -40.41
CA ILE B 314 -27.24 -21.44 -41.48
C ILE B 314 -26.66 -22.14 -42.69
N LYS B 315 -25.78 -23.11 -42.43
CA LYS B 315 -25.15 -23.85 -43.51
C LYS B 315 -26.13 -24.87 -44.09
N GLU B 316 -27.01 -25.42 -43.25
CA GLU B 316 -27.98 -26.39 -43.74
C GLU B 316 -29.11 -25.73 -44.54
N ASN B 317 -29.26 -24.41 -44.40
CA ASN B 317 -30.31 -23.63 -45.08
C ASN B 317 -29.72 -22.36 -45.72
N PRO B 318 -28.78 -22.52 -46.65
CA PRO B 318 -28.07 -21.46 -47.38
C PRO B 318 -28.88 -20.32 -47.99
N SER B 319 -30.05 -20.61 -48.53
CA SER B 319 -30.86 -19.58 -49.18
C SER B 319 -31.78 -18.79 -48.25
N VAL B 320 -31.99 -19.29 -47.03
CA VAL B 320 -32.87 -18.64 -46.06
C VAL B 320 -32.24 -17.47 -45.32
N ARG B 321 -33.00 -16.41 -45.07
CA ARG B 321 -32.42 -15.29 -44.33
C ARG B 321 -32.38 -15.64 -42.84
N LEU B 322 -31.49 -15.00 -42.08
CA LEU B 322 -31.37 -15.28 -40.64
C LEU B 322 -32.69 -15.10 -39.92
N SER B 323 -33.36 -13.99 -40.18
CA SER B 323 -34.64 -13.70 -39.53
C SER B 323 -35.77 -14.66 -39.93
N ASP B 324 -35.53 -15.50 -40.94
CA ASP B 324 -36.55 -16.46 -41.37
C ASP B 324 -36.14 -17.89 -41.04
N LEU B 325 -34.97 -18.09 -40.43
CA LEU B 325 -34.51 -19.44 -40.13
C LEU B 325 -35.49 -20.30 -39.32
N GLY B 326 -36.19 -19.70 -38.37
CA GLY B 326 -37.14 -20.48 -37.60
C GLY B 326 -38.16 -21.13 -38.52
N SER B 327 -38.52 -20.39 -39.58
CA SER B 327 -39.49 -20.83 -40.57
C SER B 327 -39.19 -22.17 -41.22
N VAL B 328 -37.92 -22.58 -41.18
CA VAL B 328 -37.51 -23.85 -41.79
C VAL B 328 -37.25 -24.96 -40.75
N LEU B 329 -37.20 -24.58 -39.48
CA LEU B 329 -36.93 -25.56 -38.42
C LEU B 329 -38.20 -26.20 -37.87
N GLY B 330 -39.29 -26.03 -38.61
CA GLY B 330 -40.58 -26.60 -38.25
C GLY B 330 -40.98 -26.63 -36.78
N LYS B 331 -41.66 -27.70 -36.41
CA LYS B 331 -42.16 -27.91 -35.05
C LYS B 331 -41.12 -27.86 -33.92
N ASP B 332 -39.85 -27.67 -34.28
CA ASP B 332 -38.80 -27.61 -33.27
C ASP B 332 -38.60 -26.24 -32.64
N LEU B 333 -39.34 -25.97 -31.57
CA LEU B 333 -39.24 -24.69 -30.89
C LEU B 333 -37.84 -24.46 -30.33
N SER B 334 -37.20 -25.50 -29.82
CA SER B 334 -35.87 -25.36 -29.26
C SER B 334 -34.92 -24.75 -30.29
N GLU B 335 -34.97 -25.24 -31.51
CA GLU B 335 -34.10 -24.70 -32.55
C GLU B 335 -34.51 -23.29 -32.96
N LYS B 336 -35.81 -23.04 -32.95
CA LYS B 336 -36.29 -21.71 -33.31
C LYS B 336 -35.84 -20.76 -32.20
N GLN B 337 -35.84 -21.25 -30.96
CA GLN B 337 -35.44 -20.43 -29.82
C GLN B 337 -33.94 -20.12 -29.88
N PHE B 338 -33.14 -21.06 -30.37
CA PHE B 338 -31.70 -20.83 -30.51
C PHE B 338 -31.49 -19.63 -31.44
N VAL B 339 -32.16 -19.63 -32.59
CA VAL B 339 -32.00 -18.55 -33.53
C VAL B 339 -32.40 -17.23 -32.85
N LEU B 340 -33.52 -17.22 -32.13
CA LEU B 340 -33.93 -15.99 -31.46
C LEU B 340 -32.88 -15.58 -30.42
N GLU B 341 -32.29 -16.55 -29.73
CA GLU B 341 -31.26 -16.27 -28.74
C GLU B 341 -30.12 -15.52 -29.42
N VAL B 342 -29.69 -15.98 -30.59
CA VAL B 342 -28.61 -15.32 -31.28
C VAL B 342 -28.99 -13.90 -31.71
N GLU B 343 -30.20 -13.75 -32.22
CA GLU B 343 -30.65 -12.45 -32.69
C GLU B 343 -30.69 -11.45 -31.56
N LYS B 344 -31.02 -11.96 -30.37
CA LYS B 344 -31.08 -11.17 -29.13
C LYS B 344 -29.69 -10.61 -28.79
N ILE B 345 -28.65 -11.40 -29.07
CA ILE B 345 -27.29 -10.96 -28.79
C ILE B 345 -26.90 -9.87 -29.77
N LEU B 346 -27.27 -10.05 -31.03
CA LEU B 346 -26.97 -9.07 -32.06
C LEU B 346 -27.75 -7.77 -31.85
N ASP B 347 -29.02 -7.89 -31.47
CA ASP B 347 -29.88 -6.71 -31.24
C ASP B 347 -30.65 -6.79 -29.94
N PRO B 348 -29.99 -6.53 -28.80
CA PRO B 348 -30.67 -6.57 -27.49
C PRO B 348 -31.71 -5.47 -27.43
N GLU B 349 -32.70 -5.63 -26.57
CA GLU B 349 -33.80 -4.65 -26.47
C GLU B 349 -33.30 -3.23 -26.17
N ARG B 350 -32.18 -3.16 -25.45
CA ARG B 350 -31.51 -1.90 -25.10
C ARG B 350 -30.08 -2.00 -25.65
N LYS B 351 -29.52 -0.87 -26.08
CA LYS B 351 -28.15 -0.82 -26.64
C LYS B 351 -27.06 -1.45 -25.75
N SER B 352 -26.08 -2.10 -26.38
CA SER B 352 -25.02 -2.75 -25.62
C SER B 352 -24.12 -1.73 -24.96
N GLY B 353 -23.83 -0.64 -25.68
CA GLY B 353 -22.93 0.36 -25.13
C GLY B 353 -21.46 0.05 -25.38
N GLU B 354 -21.13 -1.06 -26.04
CA GLU B 354 -19.72 -1.38 -26.32
C GLU B 354 -19.12 -0.14 -26.98
N GLN B 355 -17.93 0.26 -26.55
CA GLN B 355 -17.29 1.48 -27.05
C GLN B 355 -16.33 1.34 -28.21
N HIS B 356 -15.95 0.11 -28.56
CA HIS B 356 -14.98 -0.07 -29.64
C HIS B 356 -15.38 0.54 -30.98
N ILE B 357 -16.56 0.17 -31.48
CA ILE B 357 -16.98 0.71 -32.76
C ILE B 357 -17.17 2.23 -32.73
N PRO B 358 -17.87 2.77 -31.72
CA PRO B 358 -18.06 4.23 -31.64
C PRO B 358 -16.70 4.94 -31.62
N PHE B 359 -15.73 4.33 -30.91
CA PHE B 359 -14.39 4.92 -30.80
C PHE B 359 -13.73 5.05 -32.18
N ILE B 360 -13.80 3.98 -32.96
CA ILE B 360 -13.23 3.97 -34.30
C ILE B 360 -13.95 4.99 -35.15
N ASP B 361 -15.28 5.03 -35.05
CA ASP B 361 -16.03 6.00 -35.85
C ASP B 361 -15.65 7.42 -35.42
N ALA B 362 -15.49 7.62 -34.12
CA ALA B 362 -15.11 8.94 -33.62
C ALA B 362 -13.78 9.38 -34.24
N LEU B 363 -12.78 8.50 -34.19
CA LEU B 363 -11.44 8.83 -34.71
C LEU B 363 -11.36 9.03 -36.22
N LEU B 364 -12.00 8.14 -36.97
CA LEU B 364 -11.96 8.20 -38.42
C LEU B 364 -12.91 9.21 -39.05
N ASN B 365 -14.11 9.32 -38.51
CA ASN B 365 -15.10 10.23 -39.11
C ASN B 365 -15.43 11.44 -38.29
N ASP B 366 -14.69 11.63 -37.20
CA ASP B 366 -14.93 12.79 -36.35
C ASP B 366 -16.37 12.83 -35.79
N ASN B 367 -17.00 11.67 -35.60
CA ASN B 367 -18.33 11.64 -35.01
C ASN B 367 -18.01 11.55 -33.51
N LYS B 368 -17.67 12.71 -32.94
CA LYS B 368 -17.25 12.80 -31.54
C LYS B 368 -18.24 12.44 -30.45
N ALA B 369 -17.70 11.83 -29.40
CA ALA B 369 -18.50 11.43 -28.26
C ALA B 369 -17.62 11.30 -27.01
N ARG B 370 -18.31 11.10 -25.89
CA ARG B 370 -17.68 10.95 -24.60
C ARG B 370 -17.46 9.46 -24.38
N PHE B 371 -16.25 9.11 -23.96
CA PHE B 371 -15.88 7.73 -23.71
C PHE B 371 -15.26 7.57 -22.34
N VAL B 372 -15.24 6.35 -21.80
CA VAL B 372 -14.54 6.10 -20.53
C VAL B 372 -13.43 5.16 -21.01
N VAL B 373 -12.22 5.68 -21.03
CA VAL B 373 -11.05 5.00 -21.55
C VAL B 373 -9.96 4.74 -20.54
N ASN B 374 -9.13 3.77 -20.86
CA ASN B 374 -7.98 3.45 -20.03
C ASN B 374 -6.77 3.97 -20.78
N ILE B 375 -6.13 4.99 -20.22
CA ILE B 375 -4.97 5.63 -20.85
C ILE B 375 -3.92 5.98 -19.81
N PRO B 376 -2.66 6.19 -20.26
CA PRO B 376 -1.61 6.55 -19.28
C PRO B 376 -2.09 7.79 -18.52
N ASN B 377 -1.95 7.78 -17.20
CA ASN B 377 -2.40 8.88 -16.36
C ASN B 377 -1.84 10.26 -16.74
N LYS B 378 -0.51 10.37 -16.84
CA LYS B 378 0.10 11.66 -17.19
C LYS B 378 -0.54 12.86 -16.45
N GLY B 379 -0.67 12.75 -15.14
CA GLY B 379 -1.22 13.83 -14.35
C GLY B 379 -2.74 14.02 -14.30
N ILE B 380 -3.51 13.22 -15.02
CA ILE B 380 -4.97 13.39 -14.97
C ILE B 380 -5.47 13.20 -13.53
N ILE B 381 -5.10 12.07 -12.92
CA ILE B 381 -5.47 11.83 -11.53
C ILE B 381 -4.28 12.21 -10.66
N HIS B 382 -4.48 13.16 -9.76
CA HIS B 382 -3.40 13.61 -8.87
C HIS B 382 -2.97 12.51 -7.90
N GLY B 383 -1.66 12.41 -7.64
CA GLY B 383 -1.20 11.41 -6.70
C GLY B 383 -0.84 10.05 -7.29
N ILE B 384 -1.01 9.87 -8.59
CA ILE B 384 -0.68 8.61 -9.27
C ILE B 384 0.42 8.88 -10.29
N ASP B 385 1.38 7.98 -10.46
CA ASP B 385 2.45 8.19 -11.44
C ASP B 385 1.95 8.36 -12.88
N ASP B 386 2.70 9.10 -13.69
CA ASP B 386 2.32 9.39 -15.09
C ASP B 386 2.19 8.17 -15.97
N ASP B 387 2.88 7.10 -15.61
CA ASP B 387 2.86 5.91 -16.43
C ASP B 387 1.96 4.78 -15.96
N VAL B 388 1.08 5.09 -15.00
CA VAL B 388 0.13 4.11 -14.52
C VAL B 388 -1.10 4.35 -15.41
N VAL B 389 -1.67 3.31 -15.99
CA VAL B 389 -2.87 3.51 -16.82
C VAL B 389 -4.13 3.65 -15.96
N VAL B 390 -4.86 4.76 -16.16
CA VAL B 390 -6.07 5.02 -15.41
C VAL B 390 -7.30 4.96 -16.31
N GLU B 391 -8.47 4.85 -15.70
CA GLU B 391 -9.72 4.77 -16.41
C GLU B 391 -10.45 6.09 -16.09
N VAL B 392 -10.57 6.94 -17.10
CA VAL B 392 -11.19 8.27 -16.91
C VAL B 392 -12.02 8.61 -18.14
N PRO B 393 -12.85 9.66 -18.06
CA PRO B 393 -13.66 10.00 -19.21
C PRO B 393 -12.88 10.91 -20.17
N ALA B 394 -13.19 10.84 -21.45
CA ALA B 394 -12.52 11.65 -22.44
C ALA B 394 -13.38 11.90 -23.66
N LEU B 395 -13.13 13.01 -24.33
CA LEU B 395 -13.84 13.33 -25.57
C LEU B 395 -12.91 12.72 -26.62
N VAL B 396 -13.46 12.00 -27.59
CA VAL B 396 -12.66 11.44 -28.67
C VAL B 396 -13.24 12.01 -29.98
N ASP B 397 -12.36 12.50 -30.84
CA ASP B 397 -12.73 13.05 -32.16
C ASP B 397 -11.61 12.78 -33.18
N LYS B 398 -11.65 13.48 -34.32
CA LYS B 398 -10.62 13.30 -35.36
C LYS B 398 -9.21 13.50 -34.81
N ASN B 399 -9.06 14.42 -33.86
CA ASN B 399 -7.74 14.67 -33.29
C ASN B 399 -7.31 13.71 -32.18
N GLY B 400 -8.11 12.67 -31.92
CA GLY B 400 -7.72 11.70 -30.90
C GLY B 400 -8.44 11.76 -29.57
N ILE B 401 -7.76 11.33 -28.52
CA ILE B 401 -8.33 11.28 -27.19
C ILE B 401 -8.08 12.55 -26.40
N HIS B 402 -9.15 13.11 -25.84
CA HIS B 402 -8.99 14.35 -25.08
C HIS B 402 -9.53 14.14 -23.67
N PRO B 403 -8.64 13.76 -22.74
CA PRO B 403 -9.04 13.52 -21.35
C PRO B 403 -9.69 14.70 -20.67
N GLU B 404 -10.72 14.41 -19.90
CA GLU B 404 -11.41 15.42 -19.12
C GLU B 404 -10.58 15.74 -17.90
N LYS B 405 -10.83 16.92 -17.34
CA LYS B 405 -10.19 17.34 -16.11
C LYS B 405 -11.06 16.65 -15.02
N ILE B 406 -10.44 15.99 -14.05
CA ILE B 406 -11.21 15.33 -12.99
C ILE B 406 -11.66 16.36 -11.95
N GLU B 407 -12.95 16.61 -11.84
CA GLU B 407 -13.42 17.59 -10.88
C GLU B 407 -14.84 17.27 -10.44
N PRO B 408 -15.07 17.22 -9.12
CA PRO B 408 -14.10 17.41 -8.04
C PRO B 408 -13.05 16.28 -8.11
N PRO B 409 -11.86 16.49 -7.51
CA PRO B 409 -10.83 15.44 -7.52
C PRO B 409 -11.37 14.24 -6.73
N LEU B 410 -10.80 13.07 -6.94
CA LEU B 410 -11.21 11.88 -6.15
C LEU B 410 -10.86 12.21 -4.71
N PRO B 411 -11.67 11.76 -3.75
CA PRO B 411 -11.35 12.05 -2.35
C PRO B 411 -10.00 11.44 -1.99
N ASP B 412 -9.29 12.07 -1.05
CA ASP B 412 -7.98 11.57 -0.63
C ASP B 412 -8.06 10.11 -0.14
N ARG B 413 -9.16 9.77 0.53
CA ARG B 413 -9.26 8.39 1.04
C ARG B 413 -9.21 7.40 -0.10
N VAL B 414 -9.80 7.76 -1.25
CA VAL B 414 -9.77 6.82 -2.37
C VAL B 414 -8.36 6.63 -2.93
N VAL B 415 -7.65 7.75 -3.10
CA VAL B 415 -6.28 7.67 -3.62
C VAL B 415 -5.33 6.97 -2.63
N LYS B 416 -5.40 7.34 -1.35
CA LYS B 416 -4.47 6.81 -0.37
C LYS B 416 -4.74 5.37 0.09
N TYR B 417 -5.99 5.04 0.30
CA TYR B 417 -6.36 3.72 0.85
C TYR B 417 -6.92 2.69 -0.12
N TYR B 418 -7.29 3.11 -1.32
CA TYR B 418 -7.77 2.17 -2.33
C TYR B 418 -6.87 2.07 -3.55
N LEU B 419 -6.68 3.17 -4.28
CA LEU B 419 -5.84 3.17 -5.47
C LEU B 419 -4.37 2.83 -5.24
N ARG B 420 -3.74 3.45 -4.25
CA ARG B 420 -2.33 3.17 -3.99
C ARG B 420 -2.03 1.70 -3.71
N PRO B 421 -2.80 1.03 -2.85
CA PRO B 421 -2.51 -0.40 -2.60
C PRO B 421 -2.77 -1.23 -3.88
N ARG B 422 -3.84 -0.86 -4.60
CA ARG B 422 -4.22 -1.55 -5.83
C ARG B 422 -3.09 -1.40 -6.85
N ILE B 423 -2.57 -0.18 -6.96
CA ILE B 423 -1.48 0.09 -7.88
C ILE B 423 -0.22 -0.67 -7.45
N MET B 424 0.06 -0.75 -6.15
CA MET B 424 1.23 -1.51 -5.74
C MET B 424 1.17 -2.95 -6.26
N ARG B 425 0.01 -3.58 -6.18
CA ARG B 425 -0.10 -4.97 -6.68
C ARG B 425 -0.02 -5.06 -8.19
N MET B 426 -0.42 -3.99 -8.89
CA MET B 426 -0.25 -3.98 -10.34
C MET B 426 1.27 -3.91 -10.60
N GLU B 427 1.98 -3.08 -9.83
CA GLU B 427 3.45 -2.94 -9.97
C GLU B 427 4.11 -4.28 -9.70
N MET B 428 3.66 -5.03 -8.69
CA MET B 428 4.25 -6.36 -8.45
C MET B 428 4.04 -7.28 -9.66
N ALA B 429 2.82 -7.30 -10.18
CA ALA B 429 2.48 -8.11 -11.35
C ALA B 429 3.35 -7.79 -12.53
N LEU B 430 3.55 -6.51 -12.78
CA LEU B 430 4.35 -6.14 -13.92
C LEU B 430 5.83 -6.44 -13.66
N GLU B 431 6.32 -6.15 -12.45
CA GLU B 431 7.74 -6.42 -12.20
C GLU B 431 8.02 -7.93 -12.31
N ALA B 432 7.16 -8.77 -11.72
CA ALA B 432 7.37 -10.22 -11.82
C ALA B 432 7.44 -10.61 -13.31
N PHE B 433 6.43 -10.20 -14.09
CA PHE B 433 6.43 -10.52 -15.52
C PHE B 433 7.68 -10.02 -16.28
N LEU B 434 8.07 -8.77 -16.07
CA LEU B 434 9.21 -8.21 -16.79
C LEU B 434 10.59 -8.72 -16.33
N THR B 435 10.78 -8.98 -15.04
CA THR B 435 12.09 -9.43 -14.56
C THR B 435 12.27 -10.94 -14.44
N GLY B 436 11.16 -11.64 -14.28
CA GLY B 436 11.23 -13.07 -14.11
C GLY B 436 11.69 -13.41 -12.69
N ASP B 437 11.61 -12.46 -11.76
CA ASP B 437 12.03 -12.74 -10.38
C ASP B 437 10.86 -13.32 -9.60
N ILE B 438 10.87 -14.64 -9.42
CA ILE B 438 9.79 -15.29 -8.69
C ILE B 438 9.62 -14.73 -7.28
N ARG B 439 10.66 -14.11 -6.71
CA ARG B 439 10.52 -13.57 -5.34
C ARG B 439 9.45 -12.49 -5.25
N ILE B 440 9.07 -11.88 -6.37
CA ILE B 440 8.00 -10.89 -6.34
C ILE B 440 6.68 -11.59 -6.04
N ILE B 441 6.44 -12.70 -6.74
CA ILE B 441 5.21 -13.44 -6.49
C ILE B 441 5.23 -14.06 -5.11
N LYS B 442 6.38 -14.55 -4.66
CA LYS B 442 6.41 -15.08 -3.30
C LYS B 442 6.09 -13.95 -2.28
N GLU B 443 6.56 -12.74 -2.55
CA GLU B 443 6.34 -11.59 -1.65
C GLU B 443 4.87 -11.25 -1.54
N LEU B 444 4.17 -11.25 -2.69
CA LEU B 444 2.73 -11.01 -2.69
C LEU B 444 2.08 -12.03 -1.72
N LEU B 445 2.45 -13.30 -1.88
CA LEU B 445 1.87 -14.34 -1.01
C LEU B 445 2.34 -14.29 0.46
N TYR B 446 3.59 -13.87 0.70
CA TYR B 446 4.03 -13.73 2.10
C TYR B 446 3.15 -12.72 2.81
N ARG B 447 2.69 -11.71 2.07
CA ARG B 447 1.84 -10.67 2.69
C ARG B 447 0.34 -10.98 2.66
N ASP B 448 -0.06 -12.01 1.92
CA ASP B 448 -1.46 -12.40 1.79
C ASP B 448 -2.01 -12.87 3.13
N PRO B 449 -3.21 -12.39 3.53
CA PRO B 449 -3.77 -12.83 4.82
C PRO B 449 -4.04 -14.34 4.93
N ARG B 450 -4.16 -14.99 3.78
CA ARG B 450 -4.42 -16.45 3.75
C ARG B 450 -3.16 -17.29 3.92
N THR B 451 -1.98 -16.66 3.83
CA THR B 451 -0.74 -17.39 3.95
C THR B 451 -0.39 -17.68 5.41
N LYS B 452 -0.04 -18.94 5.68
CA LYS B 452 0.28 -19.38 7.03
C LYS B 452 1.72 -19.83 7.16
N SER B 453 2.36 -20.13 6.05
CA SER B 453 3.74 -20.61 6.14
C SER B 453 4.45 -20.46 4.81
N ASP B 454 5.78 -20.50 4.86
CA ASP B 454 6.60 -20.43 3.66
C ASP B 454 6.42 -21.65 2.76
N GLU B 455 6.25 -22.83 3.35
CA GLU B 455 6.08 -24.05 2.57
C GLU B 455 4.81 -24.00 1.71
N GLN B 456 3.75 -23.41 2.25
CA GLN B 456 2.47 -23.26 1.52
C GLN B 456 2.71 -22.39 0.29
N VAL B 457 3.45 -21.30 0.47
CA VAL B 457 3.77 -20.43 -0.65
C VAL B 457 4.61 -21.14 -1.72
N GLU B 458 5.65 -21.85 -1.30
CA GLU B 458 6.50 -22.55 -2.25
C GLU B 458 5.74 -23.58 -3.08
N LYS B 459 4.89 -24.34 -2.43
CA LYS B 459 4.18 -25.40 -3.12
C LYS B 459 3.07 -24.94 -4.05
N VAL B 460 2.32 -23.91 -3.66
CA VAL B 460 1.27 -23.48 -4.58
C VAL B 460 1.93 -22.91 -5.81
N ILE B 461 3.06 -22.21 -5.63
CA ILE B 461 3.73 -21.65 -6.78
C ILE B 461 4.33 -22.75 -7.65
N GLU B 462 4.95 -23.73 -7.02
CA GLU B 462 5.54 -24.82 -7.78
C GLU B 462 4.50 -25.56 -8.65
N GLU B 463 3.35 -25.90 -8.07
CA GLU B 463 2.32 -26.62 -8.81
C GLU B 463 1.75 -25.84 -10.01
N ILE B 464 1.58 -24.54 -9.83
CA ILE B 464 1.13 -23.70 -10.94
C ILE B 464 2.22 -23.67 -12.00
N LEU B 465 3.47 -23.54 -11.58
CA LEU B 465 4.56 -23.49 -12.55
C LEU B 465 4.80 -24.83 -13.28
N ALA B 466 4.33 -25.92 -12.69
CA ALA B 466 4.50 -27.26 -13.27
C ALA B 466 3.38 -27.69 -14.24
N LEU B 467 2.37 -26.83 -14.43
CA LEU B 467 1.30 -27.17 -15.35
C LEU B 467 1.96 -27.24 -16.72
N PRO B 468 1.49 -28.14 -17.60
CA PRO B 468 2.10 -28.25 -18.92
C PRO B 468 2.01 -26.97 -19.77
N GLU B 469 0.93 -26.22 -19.61
CA GLU B 469 0.79 -24.98 -20.39
C GLU B 469 1.82 -23.95 -19.95
N ASN B 470 2.41 -24.15 -18.79
CA ASN B 470 3.34 -23.18 -18.24
C ASN B 470 4.83 -23.45 -18.32
N GLU B 471 5.28 -24.20 -19.32
CA GLU B 471 6.71 -24.49 -19.41
C GLU B 471 7.54 -23.23 -19.63
N GLU B 472 7.11 -22.33 -20.52
CA GLU B 472 7.88 -21.13 -20.71
C GLU B 472 7.78 -20.26 -19.44
N MET B 473 6.62 -20.25 -18.81
CA MET B 473 6.45 -19.46 -17.58
C MET B 473 7.46 -19.93 -16.51
N ARG B 474 7.56 -21.26 -16.35
CA ARG B 474 8.50 -21.86 -15.38
C ARG B 474 9.93 -21.48 -15.74
N LYS B 475 10.25 -21.54 -17.02
CA LYS B 475 11.60 -21.20 -17.47
C LYS B 475 11.89 -19.73 -17.19
N HIS B 476 10.90 -18.89 -17.49
CA HIS B 476 11.03 -17.45 -17.29
C HIS B 476 11.32 -17.10 -15.82
N TYR B 477 10.70 -17.83 -14.90
CA TYR B 477 10.89 -17.55 -13.47
C TYR B 477 12.02 -18.32 -12.79
N LEU B 478 12.82 -19.04 -13.56
CA LEU B 478 13.92 -19.84 -13.01
C LEU B 478 15.14 -18.99 -12.64
N LYS B 479 15.97 -19.54 -11.74
CA LYS B 479 17.22 -18.94 -11.28
C LYS B 479 17.13 -17.74 -10.37
N ARG B 480 17.40 -16.61 -10.86
C1 GLC C . 19.95 -0.36 22.19
C2 GLC C . 19.45 -0.74 20.79
C3 GLC C . 18.42 0.25 20.17
C4 GLC C . 17.29 0.32 21.17
C5 GLC C . 17.82 0.77 22.55
C6 GLC C . 16.73 0.85 23.66
O1 GLC C . 20.65 0.85 21.99
O2 GLC C . 20.50 -0.74 19.84
O3 GLC C . 18.00 -0.19 18.85
O4 GLC C . 16.34 1.31 20.74
O5 GLC C . 18.85 -0.16 23.10
O6 GLC C . 17.53 1.29 24.79
C1 GLC C . 15.24 0.80 20.02
C2 GLC C . 14.49 1.93 19.28
C3 GLC C . 13.83 2.86 20.27
C4 GLC C . 12.84 2.03 21.09
C5 GLC C . 13.56 0.85 21.80
C6 GLC C . 12.61 -0.22 22.37
O2 GLC C . 15.44 2.59 18.47
O3 GLC C . 13.17 3.91 19.55
O4 GLC C . 12.24 2.88 22.09
O5 GLC C . 14.39 0.10 20.90
O6 GLC C . 11.77 -0.75 21.32
C1 GLC D . -22.77 -7.41 -17.41
C2 GLC D . -22.02 -6.49 -16.41
C3 GLC D . -20.48 -6.41 -16.59
C4 GLC D . -20.01 -7.84 -16.52
C5 GLC D . -20.69 -8.67 -17.62
C6 GLC D . -20.27 -10.14 -17.64
O1 GLC D . -22.65 -6.76 -18.67
O2 GLC D . -22.42 -5.12 -16.51
O3 GLC D . -19.88 -5.54 -15.59
O4 GLC D . -18.60 -7.86 -16.82
O5 GLC D . -22.18 -8.73 -17.48
O6 GLC D . -21.05 -10.57 -18.77
C1 GLC D . -17.76 -8.00 -15.70
C2 GLC D . -16.40 -7.31 -15.95
C3 GLC D . -15.64 -8.03 -17.05
C4 GLC D . -15.41 -9.48 -16.56
C5 GLC D . -16.77 -10.16 -16.28
C6 GLC D . -16.66 -11.51 -15.57
O2 GLC D . -16.70 -5.96 -16.30
O3 GLC D . -14.38 -7.35 -17.26
O4 GLC D . -14.71 -10.22 -17.58
O5 GLC D . -17.59 -9.36 -15.38
O6 GLC D . -15.94 -11.30 -14.36
PA NAD E . 9.21 6.06 30.14
O1A NAD E . 7.93 5.54 30.64
O2A NAD E . 10.29 5.76 31.15
O5B NAD E . 9.08 7.63 29.84
C5B NAD E . 10.30 8.29 30.29
C4B NAD E . 9.91 9.53 31.07
O4B NAD E . 8.60 10.05 30.55
C3B NAD E . 9.60 9.18 32.56
O3B NAD E . 10.44 9.91 33.46
C2B NAD E . 8.11 9.46 32.71
O2B NAD E . 7.59 9.64 33.99
C1B NAD E . 8.02 10.63 31.72
N9A NAD E . 6.63 11.00 31.45
C8A NAD E . 5.45 10.26 31.27
N7A NAD E . 4.38 11.00 31.06
C5A NAD E . 4.78 12.29 31.05
C6A NAD E . 4.06 13.56 30.86
N6A NAD E . 2.77 13.60 30.64
N1A NAD E . 4.87 14.70 30.94
C2A NAD E . 6.20 14.71 31.18
N3A NAD E . 6.93 13.53 31.38
C4A NAD E . 6.19 12.33 31.30
O3 NAD E . 9.61 5.39 28.76
PN NAD E . 11.04 5.13 28.04
O1N NAD E . 10.97 3.80 27.41
O2N NAD E . 12.09 5.40 29.08
O5D NAD E . 11.11 6.24 26.84
C5D NAD E . 10.09 7.29 26.65
C4D NAD E . 9.89 7.57 25.19
O4D NAD E . 11.22 7.65 24.48
C3D NAD E . 9.10 6.46 24.42
O3D NAD E . 8.25 7.03 23.41
C2D NAD E . 10.22 5.58 23.82
O2D NAD E . 9.78 4.76 22.78
C1D NAD E . 11.32 6.64 23.43
N1N NAD E . 12.73 6.12 23.41
C2N NAD E . 13.13 5.33 24.59
C3N NAD E . 14.35 4.80 24.71
C7N NAD E . 14.73 3.98 25.95
O7N NAD E . 15.94 3.87 26.28
N7N NAD E . 13.77 3.41 26.68
C4N NAD E . 15.37 5.01 23.58
C5N NAD E . 14.96 5.82 22.37
C6N NAD E . 13.64 6.36 22.32
PA NAD F . -12.92 -17.20 -23.59
O1A NAD F . -11.69 -17.95 -23.22
O2A NAD F . -14.12 -18.09 -23.42
O5B NAD F . -12.93 -16.79 -25.07
C5B NAD F . -11.92 -15.85 -25.47
C4B NAD F . -11.53 -16.33 -26.85
O4B NAD F . -10.05 -16.38 -26.83
C3B NAD F . -11.93 -17.83 -27.20
O3B NAD F . -12.81 -17.90 -28.37
C2B NAD F . -10.60 -18.57 -27.40
O2B NAD F . -10.55 -19.66 -28.27
C1B NAD F . -9.72 -17.36 -27.77
N9A NAD F . -8.30 -17.60 -27.60
C8A NAD F . -7.56 -18.30 -26.65
N7A NAD F . -6.27 -18.25 -26.88
C5A NAD F . -6.09 -17.53 -27.99
C6A NAD F . -4.89 -17.13 -28.77
N6A NAD F . -3.67 -17.48 -28.41
N1A NAD F . -5.16 -16.35 -29.90
C2A NAD F . -6.38 -15.97 -30.31
N3A NAD F . -7.54 -16.33 -29.61
C4A NAD F . -7.35 -17.11 -28.47
O3 NAD F . -13.12 -15.93 -22.67
PN NAD F . -14.34 -14.85 -22.53
O1N NAD F . -15.01 -15.11 -21.26
O2N NAD F . -15.08 -14.94 -23.83
O5D NAD F . -13.53 -13.45 -22.44
C5D NAD F . -12.14 -13.38 -22.83
C4D NAD F . -11.49 -12.21 -22.24
O4D NAD F . -12.41 -11.02 -22.23
C3D NAD F . -11.10 -12.43 -20.76
O3D NAD F . -9.80 -11.88 -20.52
C2D NAD F . -12.22 -11.69 -19.98
O2D NAD F . -11.88 -11.37 -18.65
C1D NAD F . -12.48 -10.45 -20.90
N1N NAD F . -13.84 -9.79 -20.75
C2N NAD F . -13.81 -8.35 -20.89
C3N NAD F . -14.93 -7.62 -20.94
C7N NAD F . -14.88 -6.10 -21.10
O7N NAD F . -15.94 -5.45 -21.09
N7N NAD F . -13.70 -5.48 -21.28
C4N NAD F . -16.28 -8.33 -20.83
C5N NAD F . -16.31 -9.84 -20.68
C6N NAD F . -15.06 -10.54 -20.64
#